data_6NNB
#
_entry.id   6NNB
#
_entity_poly.entity_id   1
_entity_poly.type   'polypeptide(L)'
_entity_poly.pdbx_seq_one_letter_code
;SNAMELDLQPGDVVKVLESAALGWVRARVIRVKSGGRVVVQSDQGREFTARGNQVRLIE
;
_entity_poly.pdbx_strand_id   A
#
# COMPACT_ATOMS: atom_id res chain seq x y z
N SER A 1 -11.61 -8.98 -5.37
CA SER A 1 -10.19 -9.09 -5.38
C SER A 1 -9.67 -9.57 -4.03
N ASN A 2 -9.96 -8.84 -2.96
CA ASN A 2 -9.51 -9.24 -1.62
C ASN A 2 -10.29 -8.50 -0.56
N ALA A 3 -10.21 -8.95 0.64
CA ALA A 3 -10.81 -8.26 1.74
C ALA A 3 -9.76 -7.42 2.45
N MET A 4 -8.83 -8.08 3.06
CA MET A 4 -7.74 -7.44 3.79
C MET A 4 -6.41 -8.14 3.48
N GLU A 5 -6.50 -9.20 2.70
CA GLU A 5 -5.40 -10.06 2.35
C GLU A 5 -4.25 -9.29 1.72
N LEU A 6 -3.09 -9.59 2.20
CA LEU A 6 -1.88 -8.98 1.71
C LEU A 6 -1.24 -9.84 0.66
N ASP A 7 -1.55 -9.55 -0.57
CA ASP A 7 -0.98 -10.27 -1.73
C ASP A 7 -0.15 -9.25 -2.51
N LEU A 8 0.15 -8.20 -1.80
CA LEU A 8 0.83 -7.04 -2.32
C LEU A 8 2.28 -7.36 -2.53
N GLN A 9 2.71 -7.27 -3.75
CA GLN A 9 4.06 -7.54 -4.10
C GLN A 9 4.73 -6.28 -4.61
N PRO A 10 6.04 -6.18 -4.51
CA PRO A 10 6.77 -5.02 -4.98
C PRO A 10 6.62 -4.83 -6.49
N GLY A 11 6.16 -3.67 -6.87
CA GLY A 11 5.92 -3.37 -8.26
C GLY A 11 4.44 -3.16 -8.52
N ASP A 12 3.63 -3.46 -7.52
CA ASP A 12 2.17 -3.36 -7.61
C ASP A 12 1.70 -1.90 -7.62
N VAL A 13 0.54 -1.71 -8.18
CA VAL A 13 -0.06 -0.43 -8.42
C VAL A 13 -1.49 -0.38 -7.79
N VAL A 14 -1.58 0.22 -6.64
CA VAL A 14 -2.80 0.18 -5.85
C VAL A 14 -3.25 1.54 -5.40
N LYS A 15 -4.45 1.58 -4.87
CA LYS A 15 -4.97 2.74 -4.24
C LYS A 15 -4.84 2.55 -2.76
N VAL A 16 -4.26 3.51 -2.12
CA VAL A 16 -4.06 3.46 -0.73
C VAL A 16 -4.60 4.72 -0.13
N LEU A 17 -5.19 4.62 0.99
CA LEU A 17 -5.61 5.81 1.68
C LEU A 17 -4.42 6.27 2.51
N GLU A 18 -3.68 7.15 1.89
CA GLU A 18 -2.43 7.68 2.41
C GLU A 18 -2.62 8.49 3.66
N SER A 19 -3.49 9.44 3.59
CA SER A 19 -3.74 10.31 4.68
C SER A 19 -5.21 10.74 4.62
N ALA A 20 -5.80 11.00 5.78
CA ALA A 20 -7.23 11.35 5.89
C ALA A 20 -7.60 12.62 5.10
N ALA A 21 -6.64 13.51 4.93
CA ALA A 21 -6.87 14.76 4.23
C ALA A 21 -6.65 14.62 2.72
N LEU A 22 -6.42 13.39 2.28
CA LEU A 22 -6.18 13.13 0.87
C LEU A 22 -7.08 12.00 0.39
N GLY A 23 -7.17 10.96 1.18
CA GLY A 23 -8.00 9.85 0.83
C GLY A 23 -7.22 8.81 0.09
N TRP A 24 -7.91 8.07 -0.73
CA TRP A 24 -7.33 7.06 -1.57
C TRP A 24 -6.56 7.67 -2.72
N VAL A 25 -5.28 7.56 -2.65
CA VAL A 25 -4.40 8.01 -3.68
C VAL A 25 -3.82 6.77 -4.34
N ARG A 26 -3.04 6.92 -5.36
CA ARG A 26 -2.52 5.77 -6.01
C ARG A 26 -1.07 5.65 -5.64
N ALA A 27 -0.70 4.52 -5.15
CA ALA A 27 0.61 4.28 -4.67
C ALA A 27 1.19 3.08 -5.35
N ARG A 28 2.38 2.78 -5.02
CA ARG A 28 3.12 1.72 -5.60
C ARG A 28 3.76 0.94 -4.49
N VAL A 29 3.63 -0.35 -4.51
CA VAL A 29 4.24 -1.20 -3.49
C VAL A 29 5.68 -1.35 -3.87
N ILE A 30 6.55 -0.93 -3.00
CA ILE A 30 7.96 -1.00 -3.30
C ILE A 30 8.57 -2.25 -2.71
N ARG A 31 8.13 -2.62 -1.54
CA ARG A 31 8.70 -3.69 -0.86
C ARG A 31 7.79 -4.16 0.26
N VAL A 32 8.05 -5.33 0.70
CA VAL A 32 7.49 -5.86 1.91
C VAL A 32 8.66 -5.95 2.87
N LYS A 33 8.54 -5.24 3.94
CA LYS A 33 9.60 -5.02 4.87
C LYS A 33 9.38 -5.87 6.10
N SER A 34 9.82 -5.38 7.23
CA SER A 34 9.84 -6.07 8.47
C SER A 34 8.49 -6.72 8.87
N GLY A 35 8.38 -8.02 8.64
CA GLY A 35 7.23 -8.80 9.05
C GLY A 35 6.04 -8.61 8.15
N GLY A 36 5.37 -7.50 8.32
CA GLY A 36 4.19 -7.19 7.55
C GLY A 36 4.14 -5.72 7.29
N ARG A 37 5.31 -5.13 7.22
CA ARG A 37 5.45 -3.75 7.01
C ARG A 37 5.55 -3.52 5.57
N VAL A 38 4.47 -3.20 5.05
CA VAL A 38 4.36 -2.97 3.63
C VAL A 38 4.88 -1.58 3.31
N VAL A 39 5.68 -1.54 2.32
CA VAL A 39 6.24 -0.33 1.81
C VAL A 39 5.51 0.07 0.57
N VAL A 40 4.91 1.18 0.60
CA VAL A 40 4.31 1.71 -0.56
C VAL A 40 4.79 3.13 -0.65
N GLN A 41 4.84 3.62 -1.81
CA GLN A 41 5.26 4.94 -2.03
C GLN A 41 4.36 5.56 -3.03
N SER A 42 3.90 6.70 -2.70
CA SER A 42 3.08 7.46 -3.59
C SER A 42 3.98 8.25 -4.53
N ASP A 43 3.41 8.87 -5.55
CA ASP A 43 4.23 9.57 -6.56
C ASP A 43 4.80 10.88 -6.05
N GLN A 44 4.42 11.24 -4.82
CA GLN A 44 5.03 12.39 -4.16
C GLN A 44 6.41 11.97 -3.62
N GLY A 45 6.68 10.67 -3.68
CA GLY A 45 7.95 10.14 -3.26
C GLY A 45 7.95 9.66 -1.84
N ARG A 46 6.87 9.89 -1.12
CA ARG A 46 6.81 9.52 0.24
C ARG A 46 6.55 8.01 0.40
N GLU A 47 7.42 7.36 1.13
CA GLU A 47 7.22 5.96 1.47
C GLU A 47 6.41 5.95 2.75
N PHE A 48 5.58 4.98 2.91
CA PHE A 48 4.87 4.78 4.14
C PHE A 48 4.49 3.34 4.31
N THR A 49 4.13 3.01 5.52
CA THR A 49 3.77 1.68 5.84
C THR A 49 2.30 1.46 5.57
N ALA A 50 2.04 0.58 4.66
CA ALA A 50 0.70 0.27 4.29
C ALA A 50 0.22 -0.96 5.05
N ARG A 51 -1.07 -1.12 5.11
CA ARG A 51 -1.73 -2.26 5.74
C ARG A 51 -2.84 -2.68 4.83
N GLY A 52 -3.36 -3.89 4.98
CA GLY A 52 -4.44 -4.39 4.10
C GLY A 52 -5.77 -3.68 4.28
N ASN A 53 -5.81 -2.78 5.24
CA ASN A 53 -7.02 -2.00 5.49
C ASN A 53 -6.89 -0.64 4.81
N GLN A 54 -5.71 -0.37 4.31
CA GLN A 54 -5.41 0.89 3.66
C GLN A 54 -5.13 0.68 2.20
N VAL A 55 -5.14 -0.57 1.75
CA VAL A 55 -4.72 -0.85 0.39
C VAL A 55 -5.72 -1.73 -0.26
N ARG A 56 -6.05 -1.38 -1.49
CA ARG A 56 -6.98 -2.09 -2.25
C ARG A 56 -6.45 -2.24 -3.66
N LEU A 57 -6.37 -3.43 -4.11
CA LEU A 57 -5.92 -3.71 -5.46
C LEU A 57 -7.11 -4.02 -6.33
N ILE A 58 -7.33 -3.14 -7.31
CA ILE A 58 -8.44 -3.15 -8.25
C ILE A 58 -9.77 -3.68 -7.71
N GLU A 59 -10.31 -2.92 -6.78
CA GLU A 59 -11.57 -3.17 -6.09
C GLU A 59 -11.68 -2.12 -4.99
N SER A 1 -5.46 -8.54 0.99
CA SER A 1 -6.61 -7.81 0.52
C SER A 1 -7.61 -8.77 -0.13
N ASN A 2 -7.20 -9.42 -1.20
CA ASN A 2 -8.16 -10.19 -2.00
C ASN A 2 -7.95 -11.67 -1.91
N ALA A 3 -6.90 -12.09 -1.25
CA ALA A 3 -6.70 -13.50 -1.10
C ALA A 3 -7.04 -13.92 0.29
N MET A 4 -6.24 -13.47 1.24
CA MET A 4 -6.47 -13.81 2.66
C MET A 4 -5.64 -12.99 3.61
N GLU A 5 -4.53 -12.52 3.15
CA GLU A 5 -3.63 -11.75 3.97
C GLU A 5 -3.10 -10.46 3.35
N LEU A 6 -1.86 -10.46 3.13
CA LEU A 6 -1.11 -9.34 2.62
C LEU A 6 -0.68 -9.57 1.20
N ASP A 7 -1.60 -10.11 0.49
CA ASP A 7 -1.55 -10.48 -0.94
C ASP A 7 -1.34 -9.30 -1.92
N LEU A 8 -0.53 -8.39 -1.55
CA LEU A 8 -0.14 -7.27 -2.36
C LEU A 8 1.28 -7.58 -2.79
N GLN A 9 1.65 -7.22 -3.98
CA GLN A 9 2.98 -7.55 -4.45
C GLN A 9 3.79 -6.29 -4.74
N PRO A 10 5.12 -6.37 -4.62
CA PRO A 10 5.99 -5.24 -4.89
C PRO A 10 6.08 -4.97 -6.38
N GLY A 11 5.90 -3.72 -6.74
CA GLY A 11 5.91 -3.33 -8.13
C GLY A 11 4.51 -2.98 -8.59
N ASP A 12 3.54 -3.30 -7.75
CA ASP A 12 2.12 -3.09 -8.05
C ASP A 12 1.79 -1.60 -7.99
N VAL A 13 0.72 -1.22 -8.63
CA VAL A 13 0.27 0.14 -8.71
C VAL A 13 -1.12 0.18 -8.10
N VAL A 14 -1.16 0.51 -6.85
CA VAL A 14 -2.35 0.40 -6.06
C VAL A 14 -2.84 1.74 -5.61
N LYS A 15 -3.94 1.73 -4.91
CA LYS A 15 -4.45 2.89 -4.26
C LYS A 15 -4.37 2.67 -2.79
N VAL A 16 -3.76 3.60 -2.13
CA VAL A 16 -3.60 3.54 -0.71
C VAL A 16 -4.12 4.82 -0.13
N LEU A 17 -4.88 4.71 0.90
CA LEU A 17 -5.36 5.87 1.56
C LEU A 17 -4.30 6.31 2.56
N GLU A 18 -3.44 7.19 2.07
CA GLU A 18 -2.30 7.72 2.80
C GLU A 18 -2.79 8.60 3.95
N SER A 19 -3.65 9.50 3.63
CA SER A 19 -4.19 10.40 4.58
C SER A 19 -5.68 10.44 4.41
N ALA A 20 -6.39 10.69 5.49
CA ALA A 20 -7.84 10.80 5.45
C ALA A 20 -8.25 12.09 4.73
N ALA A 21 -7.31 13.03 4.64
CA ALA A 21 -7.55 14.29 3.98
C ALA A 21 -7.20 14.21 2.50
N LEU A 22 -6.44 13.17 2.13
CA LEU A 22 -6.07 12.99 0.73
C LEU A 22 -6.89 11.88 0.09
N GLY A 23 -7.23 10.89 0.88
CA GLY A 23 -8.01 9.80 0.39
C GLY A 23 -7.12 8.74 -0.23
N TRP A 24 -7.72 7.95 -1.09
CA TRP A 24 -7.03 6.93 -1.83
C TRP A 24 -6.18 7.54 -2.92
N VAL A 25 -4.90 7.56 -2.69
CA VAL A 25 -3.98 8.09 -3.64
C VAL A 25 -3.27 6.94 -4.31
N ARG A 26 -2.65 7.20 -5.43
CA ARG A 26 -1.97 6.14 -6.13
C ARG A 26 -0.63 5.90 -5.47
N ALA A 27 -0.40 4.69 -5.12
CA ALA A 27 0.81 4.31 -4.47
C ALA A 27 1.35 3.08 -5.12
N ARG A 28 2.60 2.86 -4.90
CA ARG A 28 3.25 1.75 -5.48
C ARG A 28 3.89 0.95 -4.39
N VAL A 29 3.56 -0.32 -4.35
CA VAL A 29 4.12 -1.21 -3.37
C VAL A 29 5.55 -1.44 -3.73
N ILE A 30 6.42 -1.06 -2.86
CA ILE A 30 7.80 -1.18 -3.10
C ILE A 30 8.27 -2.53 -2.61
N ARG A 31 7.80 -2.91 -1.44
CA ARG A 31 8.15 -4.10 -0.85
C ARG A 31 7.08 -4.52 0.12
N VAL A 32 7.02 -5.78 0.32
CA VAL A 32 6.17 -6.38 1.31
C VAL A 32 7.11 -6.97 2.33
N LYS A 33 6.83 -6.70 3.55
CA LYS A 33 7.68 -7.03 4.63
C LYS A 33 6.88 -7.77 5.61
N SER A 34 7.43 -7.99 6.75
CA SER A 34 6.66 -8.61 7.71
C SER A 34 6.37 -7.62 8.85
N GLY A 35 5.61 -8.07 9.84
CA GLY A 35 5.17 -7.20 10.90
C GLY A 35 3.99 -6.37 10.42
N GLY A 36 3.39 -6.84 9.33
CA GLY A 36 2.30 -6.16 8.70
C GLY A 36 2.76 -4.87 8.06
N ARG A 37 4.03 -4.83 7.74
CA ARG A 37 4.65 -3.67 7.19
C ARG A 37 4.68 -3.79 5.73
N VAL A 38 3.93 -2.98 5.18
CA VAL A 38 3.87 -2.89 3.76
C VAL A 38 4.58 -1.62 3.40
N VAL A 39 5.48 -1.72 2.51
CA VAL A 39 6.25 -0.60 2.06
C VAL A 39 5.64 -0.09 0.78
N VAL A 40 5.07 1.08 0.82
CA VAL A 40 4.43 1.63 -0.34
C VAL A 40 4.83 3.08 -0.45
N GLN A 41 4.94 3.53 -1.64
CA GLN A 41 5.26 4.89 -1.86
C GLN A 41 4.28 5.49 -2.82
N SER A 42 3.61 6.52 -2.37
CA SER A 42 2.71 7.28 -3.20
C SER A 42 3.50 7.97 -4.29
N ASP A 43 2.84 8.32 -5.39
CA ASP A 43 3.52 9.02 -6.52
C ASP A 43 4.01 10.44 -6.13
N GLN A 44 3.82 10.77 -4.88
CA GLN A 44 4.29 12.01 -4.30
C GLN A 44 5.74 11.81 -3.80
N GLY A 45 6.21 10.57 -3.87
CA GLY A 45 7.55 10.24 -3.39
C GLY A 45 7.56 9.94 -1.90
N ARG A 46 6.39 9.84 -1.35
CA ARG A 46 6.17 9.61 0.03
C ARG A 46 5.97 8.14 0.31
N GLU A 47 6.94 7.54 0.99
CA GLU A 47 6.87 6.15 1.39
C GLU A 47 6.34 6.14 2.80
N PHE A 48 5.70 5.08 3.16
CA PHE A 48 5.04 4.96 4.44
C PHE A 48 4.57 3.54 4.66
N THR A 49 4.63 3.12 5.91
CA THR A 49 4.20 1.81 6.28
C THR A 49 2.70 1.69 6.28
N ALA A 50 2.20 1.22 5.20
CA ALA A 50 0.79 1.03 5.05
C ALA A 50 0.40 -0.31 5.60
N ARG A 51 -0.85 -0.47 5.93
CA ARG A 51 -1.35 -1.72 6.38
C ARG A 51 -2.20 -2.29 5.25
N GLY A 52 -2.45 -3.59 5.28
CA GLY A 52 -3.18 -4.24 4.18
C GLY A 52 -4.66 -3.89 4.10
N ASN A 53 -5.11 -3.02 4.97
CA ASN A 53 -6.48 -2.52 4.96
C ASN A 53 -6.52 -1.14 4.37
N GLN A 54 -5.33 -0.59 4.17
CA GLN A 54 -5.17 0.73 3.60
C GLN A 54 -4.80 0.62 2.14
N VAL A 55 -4.63 -0.59 1.68
CA VAL A 55 -4.19 -0.81 0.33
C VAL A 55 -5.21 -1.60 -0.38
N ARG A 56 -5.52 -1.17 -1.54
CA ARG A 56 -6.40 -1.81 -2.40
C ARG A 56 -5.79 -1.74 -3.75
N LEU A 57 -5.89 -2.80 -4.50
CA LEU A 57 -5.37 -2.85 -5.87
C LEU A 57 -6.19 -1.91 -6.79
N ILE A 58 -5.93 -1.98 -8.09
CA ILE A 58 -6.72 -1.22 -9.04
C ILE A 58 -8.12 -1.83 -9.24
N GLU A 59 -8.93 -1.55 -8.27
CA GLU A 59 -10.29 -2.00 -8.17
C GLU A 59 -11.06 -0.91 -7.40
N SER A 1 -0.69 -17.23 3.20
CA SER A 1 -1.03 -17.43 4.60
C SER A 1 -1.28 -16.08 5.24
N ASN A 2 -2.55 -15.73 5.38
CA ASN A 2 -2.89 -14.40 5.82
C ASN A 2 -2.81 -14.28 7.32
N ALA A 3 -2.46 -13.10 7.72
CA ALA A 3 -2.25 -12.66 9.07
C ALA A 3 -1.95 -11.18 8.96
N MET A 4 -1.24 -10.87 7.89
CA MET A 4 -0.90 -9.50 7.49
C MET A 4 -0.49 -9.56 6.02
N GLU A 5 -1.10 -10.50 5.32
CA GLU A 5 -0.77 -10.79 3.96
C GLU A 5 -1.60 -9.87 3.08
N LEU A 6 -1.14 -9.67 1.91
CA LEU A 6 -1.67 -8.69 1.05
C LEU A 6 -1.91 -9.32 -0.28
N ASP A 7 -2.90 -8.84 -0.93
CA ASP A 7 -3.24 -9.23 -2.30
C ASP A 7 -2.56 -8.26 -3.25
N LEU A 8 -1.66 -7.53 -2.68
CA LEU A 8 -0.85 -6.55 -3.33
C LEU A 8 0.56 -7.12 -3.37
N GLN A 9 1.29 -6.88 -4.41
CA GLN A 9 2.63 -7.41 -4.54
C GLN A 9 3.69 -6.29 -4.57
N PRO A 10 4.98 -6.62 -4.38
CA PRO A 10 6.02 -5.63 -4.48
C PRO A 10 6.36 -5.36 -5.96
N GLY A 11 6.20 -4.12 -6.35
CA GLY A 11 6.38 -3.72 -7.73
C GLY A 11 5.03 -3.45 -8.37
N ASP A 12 4.02 -3.48 -7.52
CA ASP A 12 2.60 -3.32 -7.91
C ASP A 12 2.30 -1.85 -8.26
N VAL A 13 1.04 -1.58 -8.52
CA VAL A 13 0.51 -0.25 -8.80
C VAL A 13 -0.85 -0.20 -8.12
N VAL A 14 -0.93 0.50 -7.03
CA VAL A 14 -2.09 0.43 -6.17
C VAL A 14 -2.59 1.80 -5.78
N LYS A 15 -3.68 1.80 -5.06
CA LYS A 15 -4.21 2.97 -4.41
C LYS A 15 -4.12 2.76 -2.92
N VAL A 16 -3.64 3.76 -2.23
CA VAL A 16 -3.42 3.69 -0.81
C VAL A 16 -4.14 4.80 -0.07
N LEU A 17 -4.92 4.43 0.88
CA LEU A 17 -5.61 5.38 1.71
C LEU A 17 -4.69 5.67 2.87
N GLU A 18 -3.88 6.72 2.72
CA GLU A 18 -2.92 7.09 3.75
C GLU A 18 -3.65 7.50 5.01
N SER A 19 -4.45 8.50 4.87
CA SER A 19 -5.22 9.04 5.95
C SER A 19 -6.55 9.54 5.40
N ALA A 20 -7.55 9.60 6.26
CA ALA A 20 -8.91 9.99 5.88
C ALA A 20 -9.00 11.46 5.44
N ALA A 21 -7.98 12.23 5.75
CA ALA A 21 -7.95 13.64 5.39
C ALA A 21 -7.35 13.85 4.00
N LEU A 22 -6.98 12.75 3.35
CA LEU A 22 -6.40 12.79 2.02
C LEU A 22 -7.11 11.83 1.11
N GLY A 23 -7.18 10.59 1.54
CA GLY A 23 -7.84 9.59 0.77
C GLY A 23 -6.87 8.69 0.05
N TRP A 24 -7.40 7.85 -0.80
CA TRP A 24 -6.65 6.95 -1.66
C TRP A 24 -5.75 7.73 -2.63
N VAL A 25 -4.46 7.59 -2.47
CA VAL A 25 -3.51 8.21 -3.37
C VAL A 25 -2.93 7.09 -4.23
N ARG A 26 -2.32 7.43 -5.31
CA ARG A 26 -1.70 6.46 -6.20
C ARG A 26 -0.38 6.08 -5.60
N ALA A 27 -0.08 4.82 -5.55
CA ALA A 27 1.17 4.37 -4.98
C ALA A 27 1.57 3.07 -5.56
N ARG A 28 2.74 2.64 -5.23
CA ARG A 28 3.21 1.36 -5.64
C ARG A 28 3.75 0.67 -4.43
N VAL A 29 3.32 -0.55 -4.23
CA VAL A 29 3.86 -1.35 -3.14
C VAL A 29 5.25 -1.70 -3.51
N ILE A 30 6.17 -1.22 -2.76
CA ILE A 30 7.54 -1.44 -3.04
C ILE A 30 7.96 -2.75 -2.42
N ARG A 31 7.51 -2.96 -1.21
CA ARG A 31 7.83 -4.12 -0.52
C ARG A 31 6.77 -4.46 0.48
N VAL A 32 6.57 -5.71 0.57
CA VAL A 32 5.73 -6.30 1.58
C VAL A 32 6.64 -6.90 2.67
N LYS A 33 6.53 -6.34 3.85
CA LYS A 33 7.30 -6.79 5.00
C LYS A 33 6.41 -7.50 5.91
N SER A 34 6.94 -8.48 6.48
CA SER A 34 6.17 -9.35 7.31
C SER A 34 6.25 -8.92 8.79
N GLY A 35 6.51 -7.66 8.99
CA GLY A 35 6.54 -7.10 10.31
C GLY A 35 5.52 -6.01 10.39
N GLY A 36 4.46 -6.18 9.60
CA GLY A 36 3.39 -5.19 9.51
C GLY A 36 3.88 -3.92 8.85
N ARG A 37 4.88 -4.04 8.01
CA ARG A 37 5.47 -2.89 7.42
C ARG A 37 5.33 -2.90 5.95
N VAL A 38 4.25 -2.42 5.56
CA VAL A 38 3.94 -2.33 4.17
C VAL A 38 4.63 -1.10 3.64
N VAL A 39 5.35 -1.28 2.61
CA VAL A 39 6.10 -0.20 2.00
C VAL A 39 5.44 0.18 0.71
N VAL A 40 4.97 1.37 0.64
CA VAL A 40 4.36 1.86 -0.56
C VAL A 40 4.87 3.26 -0.80
N GLN A 41 5.07 3.59 -2.02
CA GLN A 41 5.50 4.91 -2.34
C GLN A 41 4.64 5.47 -3.42
N SER A 42 4.11 6.62 -3.16
CA SER A 42 3.33 7.34 -4.11
C SER A 42 4.26 7.99 -5.11
N ASP A 43 3.69 8.48 -6.18
CA ASP A 43 4.46 9.08 -7.31
C ASP A 43 4.94 10.46 -6.94
N GLN A 44 4.46 10.89 -5.79
CA GLN A 44 4.86 12.12 -5.17
C GLN A 44 6.15 11.88 -4.34
N GLY A 45 6.71 10.66 -4.48
CA GLY A 45 7.93 10.25 -3.77
C GLY A 45 7.66 10.03 -2.30
N ARG A 46 6.41 9.92 -1.99
CA ARG A 46 5.94 9.80 -0.66
C ARG A 46 5.81 8.34 -0.30
N GLU A 47 6.81 7.83 0.39
CA GLU A 47 6.80 6.47 0.87
C GLU A 47 6.31 6.51 2.28
N PHE A 48 5.69 5.47 2.71
CA PHE A 48 5.10 5.38 4.03
C PHE A 48 4.62 3.99 4.33
N THR A 49 4.59 3.66 5.59
CA THR A 49 4.14 2.37 6.01
C THR A 49 2.63 2.33 5.98
N ALA A 50 2.12 1.55 5.08
CA ALA A 50 0.70 1.44 4.92
C ALA A 50 0.15 0.24 5.66
N ARG A 51 -1.15 0.08 5.61
CA ARG A 51 -1.80 -1.05 6.21
C ARG A 51 -2.59 -1.73 5.13
N GLY A 52 -2.71 -3.04 5.18
CA GLY A 52 -3.45 -3.78 4.13
C GLY A 52 -4.92 -3.44 4.06
N ASN A 53 -5.42 -2.80 5.08
CA ASN A 53 -6.81 -2.39 5.11
C ASN A 53 -6.95 -1.03 4.44
N GLN A 54 -5.82 -0.47 4.09
CA GLN A 54 -5.75 0.84 3.53
C GLN A 54 -5.09 0.78 2.17
N VAL A 55 -4.96 -0.41 1.60
CA VAL A 55 -4.35 -0.56 0.28
C VAL A 55 -5.18 -1.44 -0.54
N ARG A 56 -5.34 -1.03 -1.74
CA ARG A 56 -6.05 -1.74 -2.68
C ARG A 56 -5.37 -1.66 -3.98
N LEU A 57 -5.54 -2.67 -4.74
CA LEU A 57 -5.11 -2.72 -6.14
C LEU A 57 -5.73 -1.57 -6.97
N ILE A 58 -5.68 -1.71 -8.23
CA ILE A 58 -6.30 -0.79 -9.10
C ILE A 58 -7.56 -1.36 -9.73
N GLU A 59 -8.50 -1.60 -8.89
CA GLU A 59 -9.82 -1.99 -9.29
C GLU A 59 -10.71 -0.74 -9.21
N SER A 1 -7.77 -15.51 6.64
CA SER A 1 -8.44 -14.37 7.21
C SER A 1 -7.39 -13.53 7.90
N ASN A 2 -6.88 -12.59 7.16
CA ASN A 2 -5.75 -11.80 7.53
C ASN A 2 -5.66 -10.66 6.60
N ALA A 3 -5.08 -9.56 7.05
CA ALA A 3 -4.99 -8.35 6.28
C ALA A 3 -3.84 -7.48 6.81
N MET A 4 -2.82 -8.14 7.30
CA MET A 4 -1.68 -7.46 7.89
C MET A 4 -0.50 -7.55 6.94
N GLU A 5 -0.66 -8.39 5.98
CA GLU A 5 0.27 -8.66 4.96
C GLU A 5 -0.38 -8.37 3.63
N LEU A 6 0.41 -8.12 2.64
CA LEU A 6 -0.08 -7.87 1.32
C LEU A 6 0.62 -8.76 0.36
N ASP A 7 -0.10 -9.71 -0.19
CA ASP A 7 0.46 -10.55 -1.22
C ASP A 7 0.37 -9.82 -2.53
N LEU A 8 1.35 -9.00 -2.70
CA LEU A 8 1.53 -8.14 -3.80
C LEU A 8 3.01 -8.11 -4.03
N GLN A 9 3.47 -7.64 -5.13
CA GLN A 9 4.88 -7.64 -5.39
C GLN A 9 5.44 -6.24 -5.46
N PRO A 10 6.72 -6.10 -5.14
CA PRO A 10 7.41 -4.82 -5.27
C PRO A 10 7.43 -4.37 -6.73
N GLY A 11 6.71 -3.31 -7.00
CA GLY A 11 6.54 -2.80 -8.34
C GLY A 11 5.05 -2.71 -8.68
N ASP A 12 4.22 -3.24 -7.78
CA ASP A 12 2.76 -3.29 -7.95
C ASP A 12 2.15 -1.88 -7.83
N VAL A 13 0.98 -1.70 -8.37
CA VAL A 13 0.32 -0.43 -8.43
C VAL A 13 -1.12 -0.49 -7.86
N VAL A 14 -1.28 0.10 -6.71
CA VAL A 14 -2.54 0.09 -5.98
C VAL A 14 -2.84 1.48 -5.49
N LYS A 15 -3.83 1.62 -4.71
CA LYS A 15 -4.12 2.85 -4.08
C LYS A 15 -4.26 2.63 -2.62
N VAL A 16 -3.75 3.53 -1.85
CA VAL A 16 -3.82 3.44 -0.44
C VAL A 16 -4.33 4.73 0.10
N LEU A 17 -5.06 4.66 1.16
CA LEU A 17 -5.48 5.84 1.81
C LEU A 17 -4.61 6.02 3.02
N GLU A 18 -3.80 7.05 2.96
CA GLU A 18 -2.90 7.38 4.04
C GLU A 18 -3.67 8.11 5.13
N SER A 19 -4.01 9.32 4.81
CA SER A 19 -4.63 10.20 5.70
C SER A 19 -6.03 10.53 5.17
N ALA A 20 -7.00 10.59 6.08
CA ALA A 20 -8.40 10.84 5.73
C ALA A 20 -8.61 12.21 5.10
N ALA A 21 -7.67 13.12 5.34
CA ALA A 21 -7.76 14.47 4.80
C ALA A 21 -7.11 14.55 3.41
N LEU A 22 -6.71 13.40 2.90
CA LEU A 22 -6.10 13.33 1.57
C LEU A 22 -6.84 12.29 0.75
N GLY A 23 -6.98 11.11 1.30
CA GLY A 23 -7.69 10.07 0.63
C GLY A 23 -6.77 9.06 0.01
N TRP A 24 -7.26 8.42 -1.02
CA TRP A 24 -6.56 7.39 -1.76
C TRP A 24 -5.55 8.01 -2.72
N VAL A 25 -4.31 7.68 -2.51
CA VAL A 25 -3.24 8.12 -3.38
C VAL A 25 -2.74 6.91 -4.15
N ARG A 26 -2.01 7.13 -5.23
CA ARG A 26 -1.60 6.02 -6.05
C ARG A 26 -0.32 5.48 -5.52
N ALA A 27 -0.38 4.28 -5.05
CA ALA A 27 0.69 3.68 -4.33
C ALA A 27 1.37 2.63 -5.14
N ARG A 28 2.66 2.60 -5.01
CA ARG A 28 3.43 1.58 -5.63
C ARG A 28 4.01 0.77 -4.54
N VAL A 29 3.69 -0.49 -4.52
CA VAL A 29 4.22 -1.38 -3.51
C VAL A 29 5.67 -1.56 -3.78
N ILE A 30 6.48 -1.04 -2.92
CA ILE A 30 7.90 -1.05 -3.15
C ILE A 30 8.54 -2.22 -2.48
N ARG A 31 8.01 -2.61 -1.36
CA ARG A 31 8.54 -3.60 -0.63
C ARG A 31 7.51 -4.15 0.26
N VAL A 32 7.51 -5.38 0.33
CA VAL A 32 6.58 -6.11 1.11
C VAL A 32 7.15 -6.59 2.42
N LYS A 33 6.78 -5.89 3.41
CA LYS A 33 6.94 -6.25 4.76
C LYS A 33 5.55 -6.63 5.23
N SER A 34 5.43 -7.12 6.41
CA SER A 34 4.13 -7.49 6.88
C SER A 34 3.97 -7.17 8.36
N GLY A 35 2.73 -7.02 8.79
CA GLY A 35 2.43 -6.80 10.17
C GLY A 35 2.63 -5.37 10.58
N GLY A 36 3.82 -5.08 11.06
CA GLY A 36 4.12 -3.78 11.57
C GLY A 36 4.54 -2.83 10.48
N ARG A 37 4.93 -3.36 9.35
CA ARG A 37 5.39 -2.59 8.28
C ARG A 37 4.96 -3.20 7.01
N VAL A 38 4.82 -2.38 6.06
CA VAL A 38 4.52 -2.65 4.64
C VAL A 38 5.09 -1.43 3.97
N VAL A 39 5.58 -1.54 2.79
CA VAL A 39 6.19 -0.40 2.17
C VAL A 39 5.57 -0.09 0.82
N VAL A 40 4.97 1.05 0.74
CA VAL A 40 4.39 1.52 -0.48
C VAL A 40 4.87 2.93 -0.68
N GLN A 41 5.13 3.28 -1.89
CA GLN A 41 5.58 4.59 -2.21
C GLN A 41 4.71 5.15 -3.28
N SER A 42 3.93 6.07 -2.88
CA SER A 42 2.97 6.69 -3.70
C SER A 42 3.58 7.59 -4.76
N ASP A 43 2.73 8.00 -5.66
CA ASP A 43 2.95 8.93 -6.78
C ASP A 43 4.04 9.99 -6.51
N GLN A 44 3.86 10.77 -5.47
CA GLN A 44 4.74 11.85 -5.04
C GLN A 44 6.15 11.38 -4.72
N GLY A 45 6.29 10.10 -4.49
CA GLY A 45 7.55 9.59 -4.02
C GLY A 45 7.48 9.47 -2.52
N ARG A 46 6.27 9.42 -2.06
CA ARG A 46 5.93 9.38 -0.67
C ARG A 46 5.85 7.93 -0.21
N GLU A 47 6.90 7.45 0.44
CA GLU A 47 6.93 6.09 0.97
C GLU A 47 6.42 6.12 2.39
N PHE A 48 5.69 5.10 2.75
CA PHE A 48 5.14 4.97 4.07
C PHE A 48 4.65 3.56 4.31
N THR A 49 4.20 3.31 5.51
CA THR A 49 3.75 2.00 5.87
C THR A 49 2.24 1.90 5.73
N ALA A 50 1.81 1.05 4.86
CA ALA A 50 0.40 0.87 4.62
C ALA A 50 -0.17 -0.22 5.53
N ARG A 51 -1.50 -0.32 5.56
CA ARG A 51 -2.19 -1.35 6.30
C ARG A 51 -3.21 -1.94 5.36
N GLY A 52 -3.48 -3.24 5.45
CA GLY A 52 -4.36 -3.94 4.49
C GLY A 52 -5.73 -3.32 4.30
N ASN A 53 -6.28 -2.75 5.35
CA ASN A 53 -7.61 -2.15 5.28
C ASN A 53 -7.56 -0.74 4.71
N GLN A 54 -6.37 -0.29 4.38
CA GLN A 54 -6.15 1.02 3.83
C GLN A 54 -5.64 0.88 2.41
N VAL A 55 -5.68 -0.34 1.88
CA VAL A 55 -5.11 -0.61 0.56
C VAL A 55 -6.15 -1.25 -0.31
N ARG A 56 -6.15 -0.84 -1.55
CA ARG A 56 -7.04 -1.37 -2.51
C ARG A 56 -6.35 -1.60 -3.80
N LEU A 57 -6.53 -2.76 -4.28
CA LEU A 57 -6.12 -3.13 -5.59
C LEU A 57 -7.37 -3.06 -6.42
N ILE A 58 -7.27 -2.41 -7.57
CA ILE A 58 -8.43 -2.11 -8.42
C ILE A 58 -9.22 -0.95 -7.77
N GLU A 59 -9.86 -0.16 -8.58
CA GLU A 59 -10.62 0.97 -8.12
C GLU A 59 -11.78 0.58 -7.22
N SER A 1 -5.14 -17.47 2.52
CA SER A 1 -4.38 -17.60 1.29
C SER A 1 -5.34 -17.54 0.12
N ASN A 2 -6.22 -16.55 0.14
CA ASN A 2 -7.33 -16.51 -0.81
C ASN A 2 -7.49 -15.16 -1.42
N ALA A 3 -6.36 -14.53 -1.61
CA ALA A 3 -6.22 -13.27 -2.34
C ALA A 3 -6.65 -12.06 -1.51
N MET A 4 -6.87 -12.28 -0.24
CA MET A 4 -7.24 -11.19 0.66
C MET A 4 -5.99 -10.71 1.37
N GLU A 5 -4.96 -11.49 1.20
CA GLU A 5 -3.69 -11.23 1.76
C GLU A 5 -2.95 -10.36 0.78
N LEU A 6 -2.38 -9.30 1.25
CA LEU A 6 -1.70 -8.39 0.37
C LEU A 6 -0.29 -8.80 0.11
N ASP A 7 -0.15 -9.67 -0.80
CA ASP A 7 1.14 -9.99 -1.32
C ASP A 7 1.23 -9.41 -2.66
N LEU A 8 1.56 -8.19 -2.66
CA LEU A 8 1.76 -7.47 -3.86
C LEU A 8 3.22 -7.28 -4.03
N GLN A 9 3.69 -7.62 -5.17
CA GLN A 9 5.07 -7.61 -5.43
C GLN A 9 5.57 -6.21 -5.66
N PRO A 10 6.85 -5.98 -5.41
CA PRO A 10 7.44 -4.67 -5.59
C PRO A 10 7.37 -4.24 -7.06
N GLY A 11 6.66 -3.17 -7.30
CA GLY A 11 6.44 -2.68 -8.63
C GLY A 11 4.96 -2.62 -8.95
N ASP A 12 4.16 -3.26 -8.09
CA ASP A 12 2.69 -3.33 -8.28
C ASP A 12 2.06 -1.95 -8.01
N VAL A 13 0.80 -1.80 -8.34
CA VAL A 13 0.10 -0.53 -8.27
C VAL A 13 -1.21 -0.66 -7.50
N VAL A 14 -1.25 -0.05 -6.34
CA VAL A 14 -2.41 -0.11 -5.47
C VAL A 14 -2.77 1.27 -5.00
N LYS A 15 -3.91 1.38 -4.39
CA LYS A 15 -4.32 2.62 -3.80
C LYS A 15 -4.35 2.49 -2.32
N VAL A 16 -3.79 3.45 -1.67
CA VAL A 16 -3.72 3.50 -0.25
C VAL A 16 -4.27 4.81 0.23
N LEU A 17 -5.03 4.78 1.26
CA LEU A 17 -5.53 6.00 1.81
C LEU A 17 -4.52 6.49 2.83
N GLU A 18 -3.65 7.35 2.32
CA GLU A 18 -2.54 7.94 3.06
C GLU A 18 -3.04 8.85 4.16
N SER A 19 -3.93 9.73 3.81
CA SER A 19 -4.47 10.67 4.74
C SER A 19 -5.91 10.97 4.38
N ALA A 20 -6.73 11.25 5.38
CA ALA A 20 -8.16 11.50 5.20
C ALA A 20 -8.44 12.74 4.35
N ALA A 21 -7.49 13.66 4.33
CA ALA A 21 -7.65 14.91 3.58
C ALA A 21 -7.14 14.74 2.15
N LEU A 22 -6.82 13.52 1.77
CA LEU A 22 -6.33 13.22 0.44
C LEU A 22 -7.10 12.04 -0.13
N GLY A 23 -7.29 11.03 0.68
CA GLY A 23 -8.03 9.88 0.27
C GLY A 23 -7.11 8.80 -0.25
N TRP A 24 -7.65 7.98 -1.10
CA TRP A 24 -6.93 6.92 -1.74
C TRP A 24 -5.98 7.46 -2.79
N VAL A 25 -4.71 7.40 -2.49
CA VAL A 25 -3.70 7.87 -3.38
C VAL A 25 -3.08 6.69 -4.08
N ARG A 26 -2.69 6.90 -5.31
CA ARG A 26 -2.04 5.88 -6.08
C ARG A 26 -0.63 5.72 -5.56
N ALA A 27 -0.23 4.49 -5.40
CA ALA A 27 1.06 4.18 -4.91
C ALA A 27 1.60 2.98 -5.65
N ARG A 28 2.87 2.74 -5.51
CA ARG A 28 3.48 1.56 -6.07
C ARG A 28 4.04 0.80 -4.91
N VAL A 29 3.95 -0.48 -4.97
CA VAL A 29 4.47 -1.30 -3.91
C VAL A 29 5.97 -1.34 -4.02
N ILE A 30 6.63 -0.92 -2.98
CA ILE A 30 8.06 -0.94 -2.93
C ILE A 30 8.51 -2.23 -2.39
N ARG A 31 7.81 -2.71 -1.44
CA ARG A 31 8.17 -3.88 -0.87
C ARG A 31 7.00 -4.54 -0.24
N VAL A 32 7.12 -5.78 -0.13
CA VAL A 32 6.09 -6.61 0.42
C VAL A 32 6.54 -7.32 1.69
N LYS A 33 5.79 -7.13 2.75
CA LYS A 33 5.93 -7.85 3.98
C LYS A 33 4.66 -8.54 4.33
N SER A 34 3.68 -7.77 4.72
CA SER A 34 2.39 -8.25 5.04
C SER A 34 1.48 -7.04 5.19
N GLY A 35 0.19 -7.25 5.44
CA GLY A 35 -0.81 -6.16 5.50
C GLY A 35 -0.67 -5.25 6.73
N GLY A 36 0.47 -4.66 6.85
CA GLY A 36 0.83 -3.80 7.94
C GLY A 36 2.26 -3.38 7.81
N ARG A 37 3.03 -4.18 7.07
CA ARG A 37 4.42 -3.92 6.85
C ARG A 37 4.71 -3.83 5.36
N VAL A 38 3.67 -3.68 4.61
CA VAL A 38 3.78 -3.47 3.18
C VAL A 38 4.11 -2.04 2.95
N VAL A 39 5.16 -1.81 2.23
CA VAL A 39 5.63 -0.49 2.06
C VAL A 39 5.40 -0.06 0.64
N VAL A 40 4.69 1.01 0.50
CA VAL A 40 4.29 1.53 -0.77
C VAL A 40 4.71 2.96 -0.84
N GLN A 41 4.92 3.43 -2.02
CA GLN A 41 5.32 4.79 -2.21
C GLN A 41 4.33 5.47 -3.13
N SER A 42 3.76 6.56 -2.66
CA SER A 42 2.87 7.32 -3.48
C SER A 42 3.71 8.16 -4.44
N ASP A 43 3.08 8.78 -5.40
CA ASP A 43 3.78 9.57 -6.44
C ASP A 43 4.26 10.90 -5.90
N GLN A 44 4.01 11.10 -4.62
CA GLN A 44 4.48 12.24 -3.89
C GLN A 44 5.86 11.91 -3.30
N GLY A 45 6.34 10.69 -3.57
CA GLY A 45 7.62 10.22 -3.07
C GLY A 45 7.52 9.75 -1.64
N ARG A 46 6.30 9.61 -1.17
CA ARG A 46 6.02 9.21 0.15
C ARG A 46 5.97 7.70 0.23
N GLU A 47 7.04 7.12 0.74
CA GLU A 47 7.11 5.68 0.94
C GLU A 47 6.78 5.42 2.40
N PHE A 48 5.76 4.64 2.62
CA PHE A 48 5.32 4.34 3.95
C PHE A 48 4.74 2.95 4.02
N THR A 49 4.57 2.47 5.22
CA THR A 49 4.02 1.17 5.45
C THR A 49 2.54 1.35 5.79
N ALA A 50 1.71 0.59 5.16
CA ALA A 50 0.29 0.73 5.36
C ALA A 50 -0.33 -0.56 5.84
N ARG A 51 -1.46 -0.44 6.49
CA ARG A 51 -2.20 -1.59 6.98
C ARG A 51 -3.07 -2.12 5.87
N GLY A 52 -3.46 -3.38 5.95
CA GLY A 52 -4.33 -3.98 4.92
C GLY A 52 -5.76 -3.45 4.98
N ASN A 53 -5.96 -2.46 5.81
CA ASN A 53 -7.23 -1.79 5.97
C ASN A 53 -7.13 -0.45 5.25
N GLN A 54 -5.92 -0.14 4.83
CA GLN A 54 -5.60 1.12 4.18
C GLN A 54 -5.24 0.89 2.74
N VAL A 55 -5.26 -0.36 2.31
CA VAL A 55 -4.81 -0.69 0.96
C VAL A 55 -5.85 -1.46 0.30
N ARG A 56 -6.06 -1.13 -0.92
CA ARG A 56 -6.92 -1.80 -1.76
C ARG A 56 -6.25 -1.87 -3.08
N LEU A 57 -6.58 -2.85 -3.81
CA LEU A 57 -6.06 -3.04 -5.15
C LEU A 57 -6.67 -2.01 -6.10
N ILE A 58 -6.47 -2.18 -7.37
CA ILE A 58 -7.11 -1.34 -8.36
C ILE A 58 -8.59 -1.69 -8.50
N GLU A 59 -9.32 -1.21 -7.54
CA GLU A 59 -10.73 -1.40 -7.40
C GLU A 59 -11.32 0.00 -7.30
N SER A 1 -0.76 -14.62 2.74
CA SER A 1 -1.60 -13.75 1.93
C SER A 1 -3.08 -13.97 2.25
N ASN A 2 -3.49 -13.54 3.43
CA ASN A 2 -4.87 -13.60 3.84
C ASN A 2 -5.38 -12.19 4.05
N ALA A 3 -6.55 -12.06 4.65
CA ALA A 3 -7.22 -10.76 4.82
C ALA A 3 -6.53 -9.82 5.83
N MET A 4 -5.43 -10.25 6.40
CA MET A 4 -4.68 -9.40 7.33
C MET A 4 -3.44 -8.84 6.62
N GLU A 5 -3.23 -9.34 5.43
CA GLU A 5 -2.09 -9.05 4.62
C GLU A 5 -2.56 -8.35 3.35
N LEU A 6 -1.78 -8.50 2.31
CA LEU A 6 -2.05 -7.99 1.04
C LEU A 6 -2.44 -9.12 0.14
N ASP A 7 -3.23 -8.77 -0.76
CA ASP A 7 -3.67 -9.58 -1.89
C ASP A 7 -2.89 -9.11 -3.10
N LEU A 8 -1.80 -8.46 -2.80
CA LEU A 8 -0.98 -7.74 -3.71
C LEU A 8 0.47 -8.11 -3.49
N GLN A 9 1.35 -7.62 -4.34
CA GLN A 9 2.77 -7.87 -4.28
C GLN A 9 3.54 -6.57 -4.51
N PRO A 10 4.83 -6.53 -4.16
CA PRO A 10 5.65 -5.36 -4.43
C PRO A 10 5.84 -5.16 -5.93
N GLY A 11 5.74 -3.93 -6.36
CA GLY A 11 5.82 -3.61 -7.76
C GLY A 11 4.45 -3.35 -8.35
N ASP A 12 3.43 -3.44 -7.52
CA ASP A 12 2.04 -3.26 -7.93
C ASP A 12 1.71 -1.75 -7.99
N VAL A 13 0.68 -1.42 -8.73
CA VAL A 13 0.21 -0.07 -8.90
C VAL A 13 -1.16 0.07 -8.22
N VAL A 14 -1.13 0.61 -7.06
CA VAL A 14 -2.26 0.57 -6.17
C VAL A 14 -2.73 1.94 -5.77
N LYS A 15 -3.78 1.94 -5.01
CA LYS A 15 -4.31 3.08 -4.36
C LYS A 15 -4.24 2.82 -2.86
N VAL A 16 -3.77 3.77 -2.12
CA VAL A 16 -3.65 3.63 -0.68
C VAL A 16 -4.24 4.81 -0.01
N LEU A 17 -5.07 4.58 0.95
CA LEU A 17 -5.66 5.66 1.66
C LEU A 17 -4.77 5.96 2.84
N GLU A 18 -3.96 6.99 2.70
CA GLU A 18 -3.03 7.37 3.75
C GLU A 18 -3.78 7.85 4.99
N SER A 19 -4.57 8.86 4.80
CA SER A 19 -5.32 9.45 5.86
C SER A 19 -6.64 9.96 5.32
N ALA A 20 -7.61 10.16 6.21
CA ALA A 20 -8.97 10.58 5.84
C ALA A 20 -8.98 11.95 5.14
N ALA A 21 -7.99 12.77 5.42
CA ALA A 21 -7.91 14.11 4.84
C ALA A 21 -7.17 14.09 3.50
N LEU A 22 -6.85 12.90 3.02
CA LEU A 22 -6.14 12.74 1.76
C LEU A 22 -6.88 11.76 0.87
N GLY A 23 -7.28 10.65 1.44
CA GLY A 23 -7.99 9.66 0.70
C GLY A 23 -7.05 8.69 0.05
N TRP A 24 -7.54 8.00 -0.95
CA TRP A 24 -6.79 7.05 -1.71
C TRP A 24 -5.83 7.75 -2.67
N VAL A 25 -4.56 7.65 -2.41
CA VAL A 25 -3.54 8.19 -3.27
C VAL A 25 -2.98 7.07 -4.13
N ARG A 26 -2.45 7.40 -5.27
CA ARG A 26 -1.86 6.40 -6.13
C ARG A 26 -0.52 6.03 -5.53
N ALA A 27 -0.22 4.76 -5.51
CA ALA A 27 1.01 4.33 -4.91
C ALA A 27 1.58 3.10 -5.59
N ARG A 28 2.82 2.88 -5.31
CA ARG A 28 3.58 1.76 -5.77
C ARG A 28 3.97 0.97 -4.54
N VAL A 29 3.54 -0.27 -4.46
CA VAL A 29 3.94 -1.11 -3.34
C VAL A 29 5.39 -1.42 -3.50
N ILE A 30 6.20 -0.89 -2.63
CA ILE A 30 7.60 -1.14 -2.70
C ILE A 30 7.90 -2.45 -2.10
N ARG A 31 7.33 -2.71 -0.96
CA ARG A 31 7.64 -3.85 -0.32
C ARG A 31 6.61 -4.24 0.66
N VAL A 32 6.71 -5.44 1.01
CA VAL A 32 5.93 -6.02 2.05
C VAL A 32 6.92 -6.26 3.18
N LYS A 33 6.65 -5.66 4.30
CA LYS A 33 7.50 -5.78 5.45
C LYS A 33 7.12 -6.97 6.24
N SER A 34 5.95 -6.93 6.81
CA SER A 34 5.47 -8.01 7.59
C SER A 34 4.03 -7.77 7.95
N GLY A 35 3.12 -8.43 7.20
CA GLY A 35 1.68 -8.41 7.45
C GLY A 35 1.06 -7.03 7.46
N GLY A 36 1.17 -6.38 8.60
CA GLY A 36 0.59 -5.10 8.79
C GLY A 36 1.52 -4.00 8.38
N ARG A 37 2.80 -4.33 8.16
CA ARG A 37 3.69 -3.44 7.72
C ARG A 37 3.88 -3.61 6.27
N VAL A 38 3.36 -2.72 5.62
CA VAL A 38 3.47 -2.58 4.21
C VAL A 38 3.90 -1.16 3.96
N VAL A 39 4.70 -0.96 2.97
CA VAL A 39 5.10 0.35 2.56
C VAL A 39 4.90 0.53 1.09
N VAL A 40 4.42 1.66 0.76
CA VAL A 40 4.12 2.02 -0.58
C VAL A 40 4.69 3.41 -0.84
N GLN A 41 5.00 3.68 -2.05
CA GLN A 41 5.52 4.97 -2.43
C GLN A 41 4.55 5.61 -3.38
N SER A 42 4.11 6.78 -3.06
CA SER A 42 3.19 7.49 -3.91
C SER A 42 3.97 8.21 -5.00
N ASP A 43 3.26 8.80 -5.95
CA ASP A 43 3.84 9.53 -7.11
C ASP A 43 4.70 10.71 -6.64
N GLN A 44 4.49 11.07 -5.38
CA GLN A 44 5.23 12.13 -4.73
C GLN A 44 6.63 11.65 -4.30
N GLY A 45 6.94 10.38 -4.61
CA GLY A 45 8.24 9.83 -4.34
C GLY A 45 8.44 9.42 -2.89
N ARG A 46 7.39 9.50 -2.13
CA ARG A 46 7.44 9.26 -0.72
C ARG A 46 6.93 7.87 -0.38
N GLU A 47 7.79 7.06 0.25
CA GLU A 47 7.40 5.77 0.77
C GLU A 47 6.77 6.01 2.14
N PHE A 48 5.68 5.36 2.43
CA PHE A 48 5.05 5.44 3.71
C PHE A 48 4.44 4.10 4.06
N THR A 49 4.27 3.87 5.34
CA THR A 49 3.77 2.60 5.81
C THR A 49 2.26 2.65 6.04
N ALA A 50 1.61 1.61 5.62
CA ALA A 50 0.18 1.45 5.76
C ALA A 50 -0.11 -0.01 6.00
N ARG A 51 -1.35 -0.32 6.31
CA ARG A 51 -1.77 -1.70 6.50
C ARG A 51 -2.14 -2.31 5.16
N GLY A 52 -2.15 -3.63 5.08
CA GLY A 52 -2.56 -4.31 3.85
C GLY A 52 -4.02 -4.09 3.53
N ASN A 53 -4.76 -3.72 4.54
CA ASN A 53 -6.19 -3.48 4.40
C ASN A 53 -6.43 -2.04 3.97
N GLN A 54 -5.35 -1.31 3.84
CA GLN A 54 -5.39 0.10 3.56
C GLN A 54 -4.86 0.31 2.14
N VAL A 55 -4.55 -0.79 1.48
CA VAL A 55 -3.97 -0.80 0.16
C VAL A 55 -4.82 -1.64 -0.69
N ARG A 56 -5.12 -1.15 -1.83
CA ARG A 56 -5.91 -1.81 -2.74
C ARG A 56 -5.36 -1.63 -4.11
N LEU A 57 -5.41 -2.65 -4.88
CA LEU A 57 -5.09 -2.57 -6.32
C LEU A 57 -6.07 -1.65 -7.08
N ILE A 58 -5.90 -1.58 -8.39
CA ILE A 58 -6.84 -0.92 -9.26
C ILE A 58 -8.21 -1.56 -9.15
N GLU A 59 -9.04 -0.84 -8.52
CA GLU A 59 -10.33 -1.25 -8.09
C GLU A 59 -11.19 0.00 -8.15
N SER A 1 0.40 -16.60 3.25
CA SER A 1 -0.42 -17.56 3.93
C SER A 1 -1.24 -16.83 4.94
N ASN A 2 -2.54 -17.16 5.01
CA ASN A 2 -3.53 -16.45 5.85
C ASN A 2 -3.81 -15.11 5.23
N ALA A 3 -5.01 -14.97 4.67
CA ALA A 3 -5.45 -13.80 3.89
C ALA A 3 -5.19 -12.47 4.60
N MET A 4 -4.06 -11.90 4.28
CA MET A 4 -3.62 -10.61 4.81
C MET A 4 -2.44 -10.08 3.99
N GLU A 5 -2.07 -10.81 2.97
CA GLU A 5 -0.98 -10.44 2.11
C GLU A 5 -1.51 -9.78 0.84
N LEU A 6 -0.64 -9.59 -0.11
CA LEU A 6 -0.95 -9.00 -1.35
C LEU A 6 -0.37 -9.88 -2.41
N ASP A 7 -1.09 -10.08 -3.45
CA ASP A 7 -0.67 -10.87 -4.60
C ASP A 7 0.13 -10.04 -5.57
N LEU A 8 0.27 -8.84 -5.19
CA LEU A 8 1.03 -7.85 -5.91
C LEU A 8 2.42 -7.83 -5.33
N GLN A 9 3.38 -7.51 -6.12
CA GLN A 9 4.74 -7.54 -5.71
C GLN A 9 5.35 -6.15 -5.72
N PRO A 10 6.55 -5.99 -5.11
CA PRO A 10 7.28 -4.73 -5.13
C PRO A 10 7.52 -4.25 -6.57
N GLY A 11 6.84 -3.19 -6.92
CA GLY A 11 6.86 -2.65 -8.25
C GLY A 11 5.45 -2.36 -8.74
N ASP A 12 4.48 -3.07 -8.16
CA ASP A 12 3.09 -2.98 -8.58
C ASP A 12 2.42 -1.70 -8.15
N VAL A 13 1.25 -1.46 -8.66
CA VAL A 13 0.52 -0.25 -8.39
C VAL A 13 -0.85 -0.55 -7.76
N VAL A 14 -1.15 0.16 -6.71
CA VAL A 14 -2.40 0.04 -5.95
C VAL A 14 -2.79 1.42 -5.45
N LYS A 15 -3.93 1.48 -4.80
CA LYS A 15 -4.37 2.68 -4.16
C LYS A 15 -4.37 2.45 -2.67
N VAL A 16 -3.80 3.36 -1.97
CA VAL A 16 -3.68 3.27 -0.54
C VAL A 16 -4.17 4.55 0.06
N LEU A 17 -4.97 4.46 1.07
CA LEU A 17 -5.43 5.63 1.74
C LEU A 17 -4.41 6.00 2.79
N GLU A 18 -3.55 6.90 2.39
CA GLU A 18 -2.44 7.42 3.16
C GLU A 18 -2.93 8.10 4.42
N SER A 19 -3.71 9.12 4.23
CA SER A 19 -4.26 9.87 5.32
C SER A 19 -5.70 10.21 5.02
N ALA A 20 -6.52 10.31 6.07
CA ALA A 20 -7.97 10.56 5.93
C ALA A 20 -8.26 11.92 5.31
N ALA A 21 -7.31 12.84 5.41
CA ALA A 21 -7.49 14.18 4.86
C ALA A 21 -6.97 14.26 3.43
N LEU A 22 -6.63 13.12 2.87
CA LEU A 22 -6.11 13.04 1.52
C LEU A 22 -6.87 11.98 0.74
N GLY A 23 -7.04 10.83 1.35
CA GLY A 23 -7.79 9.78 0.74
C GLY A 23 -6.90 8.74 0.09
N TRP A 24 -7.48 8.03 -0.84
CA TRP A 24 -6.80 7.02 -1.61
C TRP A 24 -5.85 7.63 -2.61
N VAL A 25 -4.59 7.45 -2.39
CA VAL A 25 -3.57 7.94 -3.28
C VAL A 25 -3.03 6.77 -4.06
N ARG A 26 -2.55 7.03 -5.25
CA ARG A 26 -1.98 5.98 -6.04
C ARG A 26 -0.59 5.72 -5.52
N ALA A 27 -0.26 4.48 -5.36
CA ALA A 27 1.00 4.12 -4.80
C ALA A 27 1.58 2.88 -5.45
N ARG A 28 2.86 2.76 -5.31
CA ARG A 28 3.60 1.65 -5.79
C ARG A 28 3.97 0.81 -4.62
N VAL A 29 3.78 -0.45 -4.76
CA VAL A 29 4.13 -1.38 -3.74
C VAL A 29 5.63 -1.48 -3.73
N ILE A 30 6.24 -1.00 -2.71
CA ILE A 30 7.69 -1.06 -2.62
C ILE A 30 8.09 -2.30 -1.93
N ARG A 31 7.31 -2.70 -0.97
CA ARG A 31 7.60 -3.81 -0.29
C ARG A 31 6.35 -4.38 0.28
N VAL A 32 6.38 -5.61 0.47
CA VAL A 32 5.24 -6.34 0.94
C VAL A 32 5.47 -6.89 2.33
N LYS A 33 4.74 -6.35 3.23
CA LYS A 33 4.56 -6.86 4.52
C LYS A 33 3.12 -7.33 4.55
N SER A 34 2.61 -7.81 5.64
CA SER A 34 1.26 -8.28 5.59
C SER A 34 0.44 -7.83 6.80
N GLY A 35 -0.89 -7.88 6.61
CA GLY A 35 -1.86 -7.58 7.64
C GLY A 35 -1.85 -6.15 8.09
N GLY A 36 -1.03 -5.89 9.07
CA GLY A 36 -0.98 -4.60 9.65
C GLY A 36 -0.05 -3.69 8.91
N ARG A 37 0.88 -4.27 8.18
CA ARG A 37 1.83 -3.58 7.46
C ARG A 37 1.79 -3.86 5.99
N VAL A 38 2.13 -2.86 5.26
CA VAL A 38 2.35 -2.82 3.81
C VAL A 38 3.18 -1.56 3.65
N VAL A 39 4.09 -1.51 2.71
CA VAL A 39 4.88 -0.30 2.51
C VAL A 39 4.82 0.08 1.04
N VAL A 40 4.39 1.30 0.78
CA VAL A 40 4.13 1.76 -0.56
C VAL A 40 4.65 3.16 -0.74
N GLN A 41 4.93 3.50 -1.93
CA GLN A 41 5.40 4.82 -2.26
C GLN A 41 4.45 5.43 -3.24
N SER A 42 3.93 6.58 -2.91
CA SER A 42 3.00 7.25 -3.79
C SER A 42 3.77 7.88 -4.94
N ASP A 43 3.04 8.40 -5.91
CA ASP A 43 3.61 9.09 -7.09
C ASP A 43 4.31 10.38 -6.64
N GLN A 44 4.06 10.73 -5.39
CA GLN A 44 4.67 11.83 -4.71
C GLN A 44 6.11 11.52 -4.33
N GLY A 45 6.50 10.26 -4.46
CA GLY A 45 7.86 9.85 -4.15
C GLY A 45 8.02 9.50 -2.69
N ARG A 46 6.98 9.70 -1.90
CA ARG A 46 7.05 9.42 -0.53
C ARG A 46 6.59 7.99 -0.23
N GLU A 47 7.45 7.26 0.46
CA GLU A 47 7.16 5.91 0.89
C GLU A 47 6.56 5.99 2.27
N PHE A 48 5.52 5.26 2.49
CA PHE A 48 4.86 5.23 3.75
C PHE A 48 4.35 3.83 4.00
N THR A 49 4.21 3.49 5.24
CA THR A 49 3.79 2.19 5.59
C THR A 49 2.39 2.24 6.25
N ALA A 50 1.45 1.61 5.58
CA ALA A 50 0.07 1.59 5.99
C ALA A 50 -0.35 0.17 6.34
N ARG A 51 -1.63 -0.02 6.56
CA ARG A 51 -2.18 -1.33 6.89
C ARG A 51 -2.80 -1.91 5.65
N GLY A 52 -3.08 -3.22 5.66
CA GLY A 52 -3.76 -3.86 4.53
C GLY A 52 -5.22 -3.45 4.49
N ASN A 53 -5.65 -2.78 5.54
CA ASN A 53 -7.02 -2.27 5.63
C ASN A 53 -7.10 -0.92 4.95
N GLN A 54 -5.97 -0.46 4.45
CA GLN A 54 -5.85 0.81 3.81
C GLN A 54 -5.41 0.64 2.38
N VAL A 55 -5.43 -0.59 1.89
CA VAL A 55 -4.93 -0.89 0.56
C VAL A 55 -5.96 -1.67 -0.18
N ARG A 56 -6.13 -1.29 -1.40
CA ARG A 56 -7.03 -1.93 -2.26
C ARG A 56 -6.37 -2.19 -3.57
N LEU A 57 -6.48 -3.39 -3.97
CA LEU A 57 -5.93 -3.85 -5.20
C LEU A 57 -7.02 -3.92 -6.25
N ILE A 58 -6.67 -3.49 -7.47
CA ILE A 58 -7.51 -3.47 -8.65
C ILE A 58 -8.97 -3.08 -8.41
N GLU A 59 -9.17 -1.80 -8.26
CA GLU A 59 -10.41 -1.19 -7.95
C GLU A 59 -10.06 0.28 -7.99
N SER A 1 -11.43 -18.52 11.96
CA SER A 1 -10.00 -18.48 11.80
C SER A 1 -9.70 -17.52 10.68
N ASN A 2 -8.73 -16.66 10.87
CA ASN A 2 -8.43 -15.65 9.90
C ASN A 2 -7.02 -15.82 9.44
N ALA A 3 -6.75 -15.42 8.24
CA ALA A 3 -5.43 -15.55 7.69
C ALA A 3 -4.92 -14.18 7.37
N MET A 4 -3.91 -13.77 8.08
CA MET A 4 -3.30 -12.47 7.86
C MET A 4 -2.22 -12.61 6.80
N GLU A 5 -2.60 -12.35 5.59
CA GLU A 5 -1.74 -12.46 4.45
C GLU A 5 -1.46 -11.05 3.93
N LEU A 6 -0.41 -10.93 3.16
CA LEU A 6 -0.03 -9.68 2.60
C LEU A 6 -0.59 -9.59 1.20
N ASP A 7 -1.71 -8.93 1.09
CA ASP A 7 -2.47 -8.81 -0.16
C ASP A 7 -1.90 -7.74 -1.08
N LEU A 8 -0.66 -7.47 -0.88
CA LEU A 8 0.09 -6.49 -1.61
C LEU A 8 1.43 -7.08 -1.98
N GLN A 9 1.86 -6.90 -3.21
CA GLN A 9 3.13 -7.43 -3.68
C GLN A 9 3.96 -6.30 -4.28
N PRO A 10 5.30 -6.41 -4.25
CA PRO A 10 6.16 -5.36 -4.74
C PRO A 10 6.14 -5.25 -6.27
N GLY A 11 6.04 -4.03 -6.74
CA GLY A 11 5.98 -3.76 -8.15
C GLY A 11 4.57 -3.45 -8.58
N ASP A 12 3.66 -3.48 -7.63
CA ASP A 12 2.24 -3.30 -7.89
C ASP A 12 1.86 -1.82 -7.82
N VAL A 13 0.79 -1.48 -8.48
CA VAL A 13 0.27 -0.13 -8.54
C VAL A 13 -1.08 -0.13 -7.84
N VAL A 14 -1.11 0.43 -6.69
CA VAL A 14 -2.26 0.33 -5.82
C VAL A 14 -2.81 1.68 -5.44
N LYS A 15 -3.92 1.67 -4.76
CA LYS A 15 -4.49 2.85 -4.19
C LYS A 15 -4.38 2.78 -2.69
N VAL A 16 -3.82 3.80 -2.10
CA VAL A 16 -3.64 3.86 -0.69
C VAL A 16 -4.33 5.08 -0.15
N LEU A 17 -4.87 4.96 1.00
CA LEU A 17 -5.38 6.11 1.64
C LEU A 17 -4.31 6.58 2.62
N GLU A 18 -3.42 7.37 2.08
CA GLU A 18 -2.25 7.91 2.79
C GLU A 18 -2.66 8.93 3.83
N SER A 19 -3.58 9.76 3.48
CA SER A 19 -4.03 10.79 4.35
C SER A 19 -5.52 11.00 4.16
N ALA A 20 -6.22 11.25 5.25
CA ALA A 20 -7.68 11.44 5.23
C ALA A 20 -8.09 12.67 4.43
N ALA A 21 -7.18 13.62 4.29
CA ALA A 21 -7.44 14.85 3.56
C ALA A 21 -7.13 14.68 2.08
N LEU A 22 -6.75 13.47 1.70
CA LEU A 22 -6.43 13.16 0.31
C LEU A 22 -7.31 12.02 -0.15
N GLY A 23 -7.43 11.01 0.68
CA GLY A 23 -8.20 9.86 0.34
C GLY A 23 -7.34 8.83 -0.30
N TRP A 24 -7.95 8.03 -1.11
CA TRP A 24 -7.28 7.01 -1.87
C TRP A 24 -6.50 7.63 -3.02
N VAL A 25 -5.21 7.62 -2.88
CA VAL A 25 -4.30 8.15 -3.87
C VAL A 25 -3.51 6.99 -4.47
N ARG A 26 -2.77 7.25 -5.50
CA ARG A 26 -2.01 6.21 -6.16
C ARG A 26 -0.71 5.96 -5.41
N ALA A 27 -0.35 4.70 -5.32
CA ALA A 27 0.88 4.31 -4.71
C ALA A 27 1.42 3.10 -5.42
N ARG A 28 2.61 2.76 -5.08
CA ARG A 28 3.28 1.65 -5.65
C ARG A 28 3.87 0.85 -4.51
N VAL A 29 3.62 -0.41 -4.50
CA VAL A 29 4.19 -1.26 -3.48
C VAL A 29 5.60 -1.49 -3.86
N ILE A 30 6.51 -0.98 -3.08
CA ILE A 30 7.87 -1.08 -3.43
C ILE A 30 8.41 -2.32 -2.96
N ARG A 31 8.16 -2.63 -1.73
CA ARG A 31 8.80 -3.68 -1.23
C ARG A 31 8.19 -4.26 -0.02
N VAL A 32 8.51 -5.47 0.14
CA VAL A 32 8.15 -6.24 1.29
C VAL A 32 9.37 -6.30 2.19
N LYS A 33 9.30 -5.54 3.23
CA LYS A 33 10.31 -5.46 4.25
C LYS A 33 9.88 -6.39 5.35
N SER A 34 10.72 -6.59 6.30
CA SER A 34 10.35 -7.47 7.33
C SER A 34 9.90 -6.66 8.56
N GLY A 35 9.29 -7.33 9.51
CA GLY A 35 8.75 -6.66 10.67
C GLY A 35 7.36 -6.14 10.39
N GLY A 36 6.72 -6.72 9.38
CA GLY A 36 5.38 -6.31 8.99
C GLY A 36 5.43 -5.04 8.20
N ARG A 37 6.51 -4.86 7.48
CA ARG A 37 6.74 -3.73 6.73
C ARG A 37 6.38 -3.89 5.31
N VAL A 38 5.20 -3.65 5.07
CA VAL A 38 4.70 -3.65 3.71
C VAL A 38 4.78 -2.22 3.33
N VAL A 39 5.70 -1.90 2.53
CA VAL A 39 5.99 -0.55 2.27
C VAL A 39 5.69 -0.17 0.83
N VAL A 40 4.98 0.92 0.71
CA VAL A 40 4.52 1.45 -0.53
C VAL A 40 4.98 2.87 -0.63
N GLN A 41 5.03 3.38 -1.80
CA GLN A 41 5.36 4.74 -2.01
C GLN A 41 4.26 5.36 -2.80
N SER A 42 3.60 6.31 -2.21
CA SER A 42 2.56 7.03 -2.88
C SER A 42 3.14 7.92 -3.95
N ASP A 43 2.29 8.37 -4.84
CA ASP A 43 2.69 9.31 -5.90
C ASP A 43 3.19 10.63 -5.34
N GLN A 44 2.90 10.88 -4.07
CA GLN A 44 3.37 12.05 -3.37
C GLN A 44 4.81 11.82 -2.84
N GLY A 45 5.36 10.64 -3.13
CA GLY A 45 6.76 10.36 -2.84
C GLY A 45 7.04 9.81 -1.45
N ARG A 46 6.03 9.44 -0.71
CA ARG A 46 6.24 8.92 0.58
C ARG A 46 6.35 7.41 0.54
N GLU A 47 7.51 6.86 0.89
CA GLU A 47 7.64 5.42 1.03
C GLU A 47 7.39 5.10 2.50
N PHE A 48 6.27 4.51 2.78
CA PHE A 48 5.86 4.26 4.16
C PHE A 48 5.24 2.90 4.29
N THR A 49 5.08 2.44 5.49
CA THR A 49 4.50 1.16 5.73
C THR A 49 2.99 1.30 5.69
N ALA A 50 2.37 0.36 5.05
CA ALA A 50 0.97 0.39 4.88
C ALA A 50 0.39 -0.94 5.28
N ARG A 51 -0.90 -1.08 5.10
CA ARG A 51 -1.64 -2.27 5.48
C ARG A 51 -2.73 -2.44 4.45
N GLY A 52 -3.22 -3.66 4.25
CA GLY A 52 -4.31 -3.91 3.28
C GLY A 52 -5.64 -3.29 3.70
N ASN A 53 -5.62 -2.59 4.82
CA ASN A 53 -6.78 -1.88 5.32
C ASN A 53 -6.74 -0.46 4.80
N GLN A 54 -5.55 -0.06 4.41
CA GLN A 54 -5.27 1.28 3.94
C GLN A 54 -4.93 1.26 2.49
N VAL A 55 -4.86 0.08 1.94
CA VAL A 55 -4.42 -0.09 0.58
C VAL A 55 -5.26 -1.09 -0.01
N ARG A 56 -5.59 -0.84 -1.21
CA ARG A 56 -6.34 -1.70 -1.97
C ARG A 56 -5.69 -1.77 -3.30
N LEU A 57 -5.84 -2.88 -3.94
CA LEU A 57 -5.31 -3.10 -5.27
C LEU A 57 -6.06 -2.25 -6.31
N ILE A 58 -5.81 -2.49 -7.56
CA ILE A 58 -6.59 -1.89 -8.62
C ILE A 58 -7.98 -2.52 -8.69
N GLU A 59 -8.83 -1.96 -7.88
CA GLU A 59 -10.20 -2.38 -7.68
C GLU A 59 -10.97 -1.10 -7.35
N SER A 1 -3.37 -11.13 10.99
CA SER A 1 -4.39 -12.12 10.69
C SER A 1 -4.98 -11.75 9.36
N ASN A 2 -4.85 -12.68 8.39
CA ASN A 2 -5.17 -12.49 6.96
C ASN A 2 -6.41 -11.65 6.67
N ALA A 3 -6.16 -10.34 6.57
CA ALA A 3 -7.16 -9.29 6.30
C ALA A 3 -6.56 -7.94 6.62
N MET A 4 -5.51 -7.94 7.42
CA MET A 4 -4.90 -6.69 7.88
C MET A 4 -3.58 -6.42 7.17
N GLU A 5 -3.06 -7.44 6.58
CA GLU A 5 -1.81 -7.43 5.89
C GLU A 5 -2.00 -7.83 4.44
N LEU A 6 -1.24 -7.23 3.58
CA LEU A 6 -1.30 -7.51 2.16
C LEU A 6 0.03 -7.81 1.61
N ASP A 7 0.21 -9.06 1.23
CA ASP A 7 1.40 -9.44 0.53
C ASP A 7 1.18 -9.07 -0.89
N LEU A 8 1.59 -7.93 -1.16
CA LEU A 8 1.55 -7.36 -2.43
C LEU A 8 2.98 -7.09 -2.78
N GLN A 9 3.35 -7.47 -3.96
CA GLN A 9 4.71 -7.52 -4.33
C GLN A 9 5.24 -6.18 -4.77
N PRO A 10 6.54 -5.97 -4.60
CA PRO A 10 7.18 -4.73 -4.99
C PRO A 10 7.04 -4.49 -6.49
N GLY A 11 6.48 -3.37 -6.84
CA GLY A 11 6.25 -3.03 -8.23
C GLY A 11 4.78 -2.88 -8.53
N ASP A 12 3.94 -3.36 -7.61
CA ASP A 12 2.48 -3.33 -7.77
C ASP A 12 2.00 -1.87 -7.66
N VAL A 13 0.86 -1.59 -8.23
CA VAL A 13 0.31 -0.25 -8.29
C VAL A 13 -1.10 -0.26 -7.77
N VAL A 14 -1.30 0.31 -6.62
CA VAL A 14 -2.55 0.24 -5.95
C VAL A 14 -2.98 1.62 -5.45
N LYS A 15 -4.12 1.67 -4.81
CA LYS A 15 -4.61 2.86 -4.15
C LYS A 15 -4.62 2.61 -2.65
N VAL A 16 -3.93 3.44 -1.95
CA VAL A 16 -3.82 3.31 -0.52
C VAL A 16 -4.27 4.60 0.10
N LEU A 17 -5.10 4.49 1.09
CA LEU A 17 -5.53 5.63 1.82
C LEU A 17 -4.42 5.95 2.80
N GLU A 18 -3.61 6.91 2.39
CA GLU A 18 -2.42 7.35 3.11
C GLU A 18 -2.81 7.95 4.46
N SER A 19 -3.67 8.93 4.41
CA SER A 19 -4.12 9.61 5.59
C SER A 19 -5.52 10.14 5.38
N ALA A 20 -6.28 10.19 6.47
CA ALA A 20 -7.64 10.69 6.42
C ALA A 20 -7.63 12.21 6.38
N ALA A 21 -7.51 12.71 5.17
CA ALA A 21 -7.45 14.12 4.84
C ALA A 21 -7.36 14.18 3.34
N LEU A 22 -6.54 13.31 2.79
CA LEU A 22 -6.42 13.18 1.36
C LEU A 22 -7.23 12.01 0.88
N GLY A 23 -7.08 10.88 1.57
CA GLY A 23 -7.82 9.73 1.21
C GLY A 23 -6.97 8.75 0.47
N TRP A 24 -7.57 8.11 -0.48
CA TRP A 24 -6.93 7.14 -1.34
C TRP A 24 -6.01 7.82 -2.33
N VAL A 25 -4.74 7.56 -2.19
CA VAL A 25 -3.75 8.11 -3.08
C VAL A 25 -3.16 6.93 -3.85
N ARG A 26 -2.48 7.24 -4.91
CA ARG A 26 -1.84 6.24 -5.73
C ARG A 26 -0.59 5.80 -5.02
N ALA A 27 -0.40 4.54 -4.91
CA ALA A 27 0.74 4.03 -4.23
C ALA A 27 1.30 2.82 -4.93
N ARG A 28 2.58 2.80 -5.04
CA ARG A 28 3.29 1.72 -5.67
C ARG A 28 3.99 0.96 -4.59
N VAL A 29 3.74 -0.32 -4.52
CA VAL A 29 4.36 -1.17 -3.53
C VAL A 29 5.83 -1.24 -3.82
N ILE A 30 6.62 -0.91 -2.86
CA ILE A 30 8.04 -0.88 -3.05
C ILE A 30 8.66 -2.06 -2.39
N ARG A 31 8.12 -2.47 -1.28
CA ARG A 31 8.71 -3.45 -0.55
C ARG A 31 7.73 -4.16 0.33
N VAL A 32 8.10 -5.33 0.63
CA VAL A 32 7.36 -6.21 1.46
C VAL A 32 7.99 -6.34 2.85
N LYS A 33 7.28 -5.89 3.82
CA LYS A 33 7.56 -6.12 5.21
C LYS A 33 6.41 -6.81 5.83
N SER A 34 6.53 -7.16 7.06
CA SER A 34 5.55 -7.97 7.62
C SER A 34 4.48 -7.22 8.41
N GLY A 35 3.26 -7.74 8.30
CA GLY A 35 2.13 -7.27 9.06
C GLY A 35 1.61 -5.95 8.60
N GLY A 36 2.16 -4.91 9.15
CA GLY A 36 1.65 -3.60 8.89
C GLY A 36 2.72 -2.64 8.53
N ARG A 37 3.78 -3.13 7.91
CA ARG A 37 4.84 -2.27 7.46
C ARG A 37 5.10 -2.50 6.01
N VAL A 38 4.05 -2.84 5.36
CA VAL A 38 4.07 -3.01 3.91
C VAL A 38 4.42 -1.65 3.32
N VAL A 39 5.38 -1.64 2.48
CA VAL A 39 5.95 -0.42 1.99
C VAL A 39 5.41 -0.05 0.65
N VAL A 40 4.86 1.13 0.57
CA VAL A 40 4.32 1.65 -0.64
C VAL A 40 4.79 3.09 -0.76
N GLN A 41 4.96 3.52 -1.94
CA GLN A 41 5.40 4.85 -2.19
C GLN A 41 4.51 5.45 -3.24
N SER A 42 3.97 6.58 -2.95
CA SER A 42 3.22 7.33 -3.90
C SER A 42 4.14 7.82 -5.01
N ASP A 43 3.59 8.16 -6.14
CA ASP A 43 4.37 8.62 -7.30
C ASP A 43 5.02 9.97 -7.04
N GLN A 44 4.55 10.63 -6.00
CA GLN A 44 5.12 11.86 -5.53
C GLN A 44 6.39 11.60 -4.70
N GLY A 45 6.75 10.32 -4.57
CA GLY A 45 8.03 9.94 -4.01
C GLY A 45 8.03 9.58 -2.54
N ARG A 46 6.95 9.77 -1.84
CA ARG A 46 6.97 9.52 -0.44
C ARG A 46 6.56 8.08 -0.11
N GLU A 47 7.39 7.44 0.69
CA GLU A 47 7.15 6.09 1.18
C GLU A 47 6.29 6.19 2.41
N PHE A 48 5.39 5.28 2.55
CA PHE A 48 4.60 5.16 3.73
C PHE A 48 4.21 3.72 3.91
N THR A 49 3.64 3.41 5.03
CA THR A 49 3.30 2.06 5.30
C THR A 49 1.83 1.82 4.96
N ALA A 50 1.55 0.69 4.42
CA ALA A 50 0.23 0.34 4.03
C ALA A 50 -0.34 -0.74 4.92
N ARG A 51 -1.60 -0.61 5.22
CA ARG A 51 -2.31 -1.60 5.98
C ARG A 51 -3.33 -2.18 5.04
N GLY A 52 -3.64 -3.46 5.16
CA GLY A 52 -4.62 -4.09 4.26
C GLY A 52 -6.01 -3.51 4.37
N ASN A 53 -6.24 -2.78 5.43
CA ASN A 53 -7.52 -2.15 5.67
C ASN A 53 -7.54 -0.77 5.02
N GLN A 54 -6.43 -0.39 4.43
CA GLN A 54 -6.26 0.90 3.84
C GLN A 54 -5.79 0.76 2.40
N VAL A 55 -5.90 -0.42 1.82
CA VAL A 55 -5.39 -0.64 0.46
C VAL A 55 -6.44 -1.27 -0.39
N ARG A 56 -6.50 -0.82 -1.58
CA ARG A 56 -7.32 -1.34 -2.58
C ARG A 56 -6.46 -1.35 -3.81
N LEU A 57 -6.58 -2.36 -4.58
CA LEU A 57 -5.80 -2.46 -5.79
C LEU A 57 -6.38 -1.54 -6.91
N ILE A 58 -6.16 -1.92 -8.13
CA ILE A 58 -6.68 -1.19 -9.31
C ILE A 58 -8.17 -1.44 -9.54
N GLU A 59 -8.68 -2.06 -8.60
CA GLU A 59 -10.04 -2.41 -8.42
C GLU A 59 -10.39 -1.67 -7.15
N SER A 1 -1.83 -9.32 15.36
CA SER A 1 -1.73 -10.77 15.31
C SER A 1 -1.71 -11.11 13.86
N ASN A 2 -0.67 -11.77 13.44
CA ASN A 2 -0.47 -12.00 12.03
C ASN A 2 -0.43 -13.47 11.78
N ALA A 3 -1.42 -13.95 11.09
CA ALA A 3 -1.48 -15.36 10.73
C ALA A 3 -1.11 -15.50 9.27
N MET A 4 -0.90 -14.37 8.64
CA MET A 4 -0.55 -14.25 7.25
C MET A 4 -0.08 -12.83 7.06
N GLU A 5 0.88 -12.65 6.19
CA GLU A 5 1.40 -11.36 5.89
C GLU A 5 0.74 -10.81 4.64
N LEU A 6 1.11 -9.63 4.28
CA LEU A 6 0.64 -9.01 3.10
C LEU A 6 1.61 -9.31 2.01
N ASP A 7 1.24 -10.24 1.18
CA ASP A 7 2.03 -10.76 0.07
C ASP A 7 2.03 -9.84 -1.14
N LEU A 8 1.71 -8.62 -0.88
CA LEU A 8 1.70 -7.56 -1.85
C LEU A 8 3.12 -7.38 -2.37
N GLN A 9 3.28 -7.52 -3.65
CA GLN A 9 4.58 -7.58 -4.23
C GLN A 9 5.08 -6.23 -4.68
N PRO A 10 6.40 -6.03 -4.65
CA PRO A 10 7.01 -4.80 -5.09
C PRO A 10 6.80 -4.59 -6.57
N GLY A 11 6.31 -3.44 -6.92
CA GLY A 11 6.02 -3.13 -8.29
C GLY A 11 4.53 -3.01 -8.51
N ASP A 12 3.76 -3.47 -7.51
CA ASP A 12 2.29 -3.42 -7.58
C ASP A 12 1.81 -1.97 -7.54
N VAL A 13 0.69 -1.74 -8.15
CA VAL A 13 0.13 -0.43 -8.31
C VAL A 13 -1.31 -0.39 -7.75
N VAL A 14 -1.41 0.09 -6.55
CA VAL A 14 -2.67 0.10 -5.83
C VAL A 14 -3.06 1.50 -5.41
N LYS A 15 -4.25 1.61 -4.88
CA LYS A 15 -4.73 2.84 -4.31
C LYS A 15 -4.77 2.65 -2.82
N VAL A 16 -4.20 3.58 -2.12
CA VAL A 16 -4.14 3.50 -0.71
C VAL A 16 -4.63 4.79 -0.10
N LEU A 17 -5.35 4.68 0.96
CA LEU A 17 -5.74 5.84 1.68
C LEU A 17 -4.84 5.94 2.87
N GLU A 18 -3.89 6.83 2.78
CA GLU A 18 -2.95 7.04 3.86
C GLU A 18 -3.65 7.74 5.01
N SER A 19 -3.98 8.97 4.75
CA SER A 19 -4.52 9.85 5.71
C SER A 19 -5.79 10.46 5.16
N ALA A 20 -6.69 10.86 6.06
CA ALA A 20 -7.98 11.44 5.68
C ALA A 20 -7.82 12.78 4.95
N ALA A 21 -6.66 13.40 5.11
CA ALA A 21 -6.38 14.67 4.46
C ALA A 21 -5.79 14.46 3.07
N LEU A 22 -5.68 13.21 2.66
CA LEU A 22 -5.14 12.88 1.35
C LEU A 22 -6.12 12.02 0.58
N GLY A 23 -6.68 11.04 1.26
CA GLY A 23 -7.61 10.15 0.62
C GLY A 23 -6.89 9.02 -0.05
N TRP A 24 -7.52 8.43 -1.03
CA TRP A 24 -6.95 7.36 -1.80
C TRP A 24 -6.03 7.93 -2.87
N VAL A 25 -4.77 7.69 -2.72
CA VAL A 25 -3.81 8.14 -3.69
C VAL A 25 -3.19 6.87 -4.27
N ARG A 26 -2.53 6.99 -5.38
CA ARG A 26 -1.94 5.82 -5.99
C ARG A 26 -0.62 5.54 -5.32
N ALA A 27 -0.37 4.30 -5.05
CA ALA A 27 0.83 3.89 -4.40
C ALA A 27 1.42 2.70 -5.08
N ARG A 28 2.71 2.67 -5.08
CA ARG A 28 3.46 1.62 -5.69
C ARG A 28 4.17 0.89 -4.58
N VAL A 29 3.96 -0.39 -4.49
CA VAL A 29 4.62 -1.19 -3.47
C VAL A 29 6.09 -1.25 -3.80
N ILE A 30 6.91 -0.73 -2.92
CA ILE A 30 8.32 -0.74 -3.15
C ILE A 30 8.90 -2.00 -2.71
N ARG A 31 8.50 -2.45 -1.56
CA ARG A 31 9.10 -3.54 -1.05
C ARG A 31 8.30 -4.18 0.02
N VAL A 32 8.69 -5.35 0.30
CA VAL A 32 8.15 -6.13 1.34
C VAL A 32 9.06 -6.03 2.54
N LYS A 33 8.48 -5.72 3.65
CA LYS A 33 9.20 -5.67 4.85
C LYS A 33 8.88 -6.88 5.64
N SER A 34 7.59 -7.10 5.71
CA SER A 34 6.96 -8.08 6.50
C SER A 34 6.96 -7.68 7.98
N GLY A 35 6.13 -8.32 8.74
CA GLY A 35 5.96 -8.00 10.12
C GLY A 35 4.90 -6.93 10.21
N GLY A 36 3.98 -6.97 9.27
CA GLY A 36 2.94 -5.99 9.20
C GLY A 36 3.26 -4.89 8.21
N ARG A 37 4.55 -4.61 8.02
CA ARG A 37 4.95 -3.57 7.13
C ARG A 37 4.98 -3.92 5.69
N VAL A 38 4.24 -3.17 4.95
CA VAL A 38 4.30 -3.19 3.54
C VAL A 38 4.65 -1.80 3.09
N VAL A 39 5.69 -1.72 2.36
CA VAL A 39 6.20 -0.46 1.94
C VAL A 39 5.61 -0.07 0.61
N VAL A 40 5.02 1.07 0.58
CA VAL A 40 4.47 1.58 -0.61
C VAL A 40 4.87 3.02 -0.67
N GLN A 41 5.00 3.51 -1.83
CA GLN A 41 5.33 4.86 -2.04
C GLN A 41 4.34 5.40 -3.00
N SER A 42 3.76 6.48 -2.65
CA SER A 42 2.86 7.13 -3.52
C SER A 42 3.68 7.81 -4.62
N ASP A 43 3.03 8.20 -5.68
CA ASP A 43 3.70 8.79 -6.83
C ASP A 43 4.35 10.12 -6.52
N GLN A 44 3.94 10.70 -5.40
CA GLN A 44 4.49 11.94 -4.89
C GLN A 44 5.85 11.70 -4.19
N GLY A 45 6.27 10.44 -4.13
CA GLY A 45 7.57 10.10 -3.56
C GLY A 45 7.49 9.77 -2.09
N ARG A 46 6.32 9.87 -1.56
CA ARG A 46 6.04 9.64 -0.17
C ARG A 46 5.91 8.14 0.14
N GLU A 47 6.96 7.57 0.74
CA GLU A 47 6.99 6.17 1.16
C GLU A 47 6.39 6.08 2.54
N PHE A 48 5.58 5.09 2.76
CA PHE A 48 4.99 4.85 4.05
C PHE A 48 4.57 3.41 4.20
N THR A 49 3.98 3.09 5.32
CA THR A 49 3.55 1.75 5.60
C THR A 49 2.05 1.68 5.39
N ALA A 50 1.64 0.85 4.48
CA ALA A 50 0.23 0.66 4.25
C ALA A 50 -0.26 -0.53 5.07
N ARG A 51 -1.55 -0.71 5.12
CA ARG A 51 -2.16 -1.83 5.81
C ARG A 51 -3.30 -2.30 4.96
N GLY A 52 -3.74 -3.54 5.14
CA GLY A 52 -4.81 -4.13 4.31
C GLY A 52 -6.18 -3.49 4.48
N ASN A 53 -6.25 -2.49 5.32
CA ASN A 53 -7.49 -1.75 5.55
C ASN A 53 -7.45 -0.45 4.79
N GLN A 54 -6.29 -0.17 4.24
CA GLN A 54 -6.03 1.07 3.56
C GLN A 54 -5.65 0.80 2.13
N VAL A 55 -5.74 -0.44 1.69
CA VAL A 55 -5.27 -0.78 0.35
C VAL A 55 -6.33 -1.49 -0.38
N ARG A 56 -6.49 -1.08 -1.58
CA ARG A 56 -7.36 -1.66 -2.49
C ARG A 56 -6.63 -1.71 -3.78
N LEU A 57 -6.75 -2.80 -4.45
CA LEU A 57 -6.14 -2.98 -5.76
C LEU A 57 -6.90 -2.15 -6.82
N ILE A 58 -6.48 -2.31 -8.06
CA ILE A 58 -7.13 -1.71 -9.22
C ILE A 58 -8.63 -1.99 -9.21
N GLU A 59 -9.33 -0.95 -8.92
CA GLU A 59 -10.75 -0.93 -8.73
C GLU A 59 -11.17 0.51 -8.98
N SER A 1 3.66 -16.78 -1.58
CA SER A 1 3.00 -17.99 -2.06
C SER A 1 1.69 -17.61 -2.72
N ASN A 2 1.05 -16.55 -2.19
CA ASN A 2 -0.19 -15.97 -2.71
C ASN A 2 -1.38 -16.76 -2.31
N ALA A 3 -1.97 -16.39 -1.17
CA ALA A 3 -3.11 -17.11 -0.61
C ALA A 3 -3.76 -16.37 0.52
N MET A 4 -2.95 -15.96 1.47
CA MET A 4 -3.44 -15.31 2.69
C MET A 4 -2.25 -14.66 3.39
N GLU A 5 -1.31 -14.24 2.60
CA GLU A 5 -0.11 -13.65 3.12
C GLU A 5 -0.13 -12.19 2.72
N LEU A 6 0.94 -11.50 2.96
CA LEU A 6 1.10 -10.22 2.36
C LEU A 6 1.92 -10.46 1.14
N ASP A 7 1.28 -11.08 0.22
CA ASP A 7 1.89 -11.63 -0.95
C ASP A 7 1.88 -10.70 -2.13
N LEU A 8 1.79 -9.44 -1.82
CA LEU A 8 1.90 -8.39 -2.82
C LEU A 8 3.38 -8.12 -2.99
N GLN A 9 3.78 -7.73 -4.16
CA GLN A 9 5.17 -7.60 -4.45
C GLN A 9 5.54 -6.18 -4.83
N PRO A 10 6.85 -5.85 -4.76
CA PRO A 10 7.38 -4.54 -5.17
C PRO A 10 7.16 -4.24 -6.67
N GLY A 11 5.96 -4.00 -6.98
CA GLY A 11 5.53 -3.76 -8.33
C GLY A 11 4.07 -3.48 -8.40
N ASP A 12 3.34 -3.93 -7.38
CA ASP A 12 1.89 -3.81 -7.34
C ASP A 12 1.43 -2.38 -7.16
N VAL A 13 0.63 -1.91 -8.08
CA VAL A 13 0.08 -0.56 -8.03
C VAL A 13 -1.36 -0.62 -7.48
N VAL A 14 -1.59 0.11 -6.42
CA VAL A 14 -2.85 0.05 -5.69
C VAL A 14 -3.18 1.41 -5.13
N LYS A 15 -4.37 1.57 -4.65
CA LYS A 15 -4.75 2.78 -4.03
C LYS A 15 -4.61 2.60 -2.57
N VAL A 16 -3.94 3.49 -1.95
CA VAL A 16 -3.73 3.44 -0.55
C VAL A 16 -4.17 4.76 0.04
N LEU A 17 -5.02 4.70 0.99
CA LEU A 17 -5.43 5.90 1.67
C LEU A 17 -4.48 6.11 2.82
N GLU A 18 -3.57 7.04 2.62
CA GLU A 18 -2.59 7.35 3.64
C GLU A 18 -3.25 8.12 4.76
N SER A 19 -3.80 9.25 4.39
CA SER A 19 -4.43 10.11 5.33
C SER A 19 -5.84 10.37 4.87
N ALA A 20 -6.71 10.70 5.81
CA ALA A 20 -8.09 10.99 5.50
C ALA A 20 -8.19 12.32 4.76
N ALA A 21 -7.16 13.14 4.91
CA ALA A 21 -7.09 14.43 4.25
C ALA A 21 -6.54 14.28 2.83
N LEU A 22 -5.87 13.16 2.57
CA LEU A 22 -5.32 12.91 1.24
C LEU A 22 -6.25 12.00 0.45
N GLY A 23 -6.85 11.06 1.13
CA GLY A 23 -7.71 10.14 0.50
C GLY A 23 -6.94 9.01 -0.12
N TRP A 24 -7.56 8.32 -1.02
CA TRP A 24 -6.96 7.23 -1.73
C TRP A 24 -5.99 7.75 -2.78
N VAL A 25 -4.74 7.50 -2.57
CA VAL A 25 -3.72 7.91 -3.48
C VAL A 25 -3.11 6.68 -4.11
N ARG A 26 -2.71 6.77 -5.35
CA ARG A 26 -2.15 5.67 -6.00
C ARG A 26 -0.73 5.49 -5.58
N ALA A 27 -0.43 4.31 -5.16
CA ALA A 27 0.85 3.97 -4.66
C ALA A 27 1.27 2.65 -5.21
N ARG A 28 2.52 2.41 -5.20
CA ARG A 28 3.05 1.18 -5.65
C ARG A 28 3.75 0.54 -4.50
N VAL A 29 3.54 -0.73 -4.33
CA VAL A 29 4.28 -1.50 -3.38
C VAL A 29 5.70 -1.46 -3.86
N ILE A 30 6.53 -0.81 -3.13
CA ILE A 30 7.89 -0.62 -3.55
C ILE A 30 8.77 -1.63 -2.92
N ARG A 31 8.46 -2.00 -1.72
CA ARG A 31 9.26 -2.81 -1.01
C ARG A 31 8.48 -3.47 0.08
N VAL A 32 8.88 -4.61 0.38
CA VAL A 32 8.30 -5.38 1.44
C VAL A 32 9.28 -5.43 2.60
N LYS A 33 9.07 -4.56 3.54
CA LYS A 33 9.81 -4.53 4.77
C LYS A 33 9.03 -5.27 5.78
N SER A 34 9.68 -5.73 6.76
CA SER A 34 9.04 -6.53 7.73
C SER A 34 8.69 -5.72 9.00
N GLY A 35 8.08 -6.40 9.97
CA GLY A 35 7.69 -5.76 11.20
C GLY A 35 6.41 -5.00 11.01
N GLY A 36 6.51 -3.88 10.37
CA GLY A 36 5.38 -3.04 10.10
C GLY A 36 5.79 -1.94 9.19
N ARG A 37 6.44 -2.29 8.10
CA ARG A 37 6.92 -1.32 7.19
C ARG A 37 6.73 -1.76 5.78
N VAL A 38 5.65 -2.42 5.54
CA VAL A 38 5.31 -2.85 4.19
C VAL A 38 5.10 -1.60 3.34
N VAL A 39 5.99 -1.41 2.43
CA VAL A 39 6.12 -0.17 1.78
C VAL A 39 5.40 -0.01 0.49
N VAL A 40 4.74 1.09 0.42
CA VAL A 40 4.13 1.57 -0.74
C VAL A 40 4.57 3.01 -0.83
N GLN A 41 4.85 3.43 -1.99
CA GLN A 41 5.28 4.76 -2.16
C GLN A 41 4.38 5.39 -3.16
N SER A 42 3.82 6.48 -2.77
CA SER A 42 2.93 7.19 -3.63
C SER A 42 3.69 8.15 -4.53
N ASP A 43 2.96 8.75 -5.44
CA ASP A 43 3.43 9.71 -6.46
C ASP A 43 4.48 10.73 -5.98
N GLN A 44 4.28 11.31 -4.81
CA GLN A 44 5.20 12.32 -4.30
C GLN A 44 6.53 11.73 -3.83
N GLY A 45 6.64 10.43 -3.82
CA GLY A 45 7.83 9.82 -3.32
C GLY A 45 7.72 9.53 -1.84
N ARG A 46 6.51 9.67 -1.32
CA ARG A 46 6.24 9.40 0.04
C ARG A 46 6.15 7.87 0.29
N GLU A 47 7.21 7.32 0.85
CA GLU A 47 7.30 5.91 1.21
C GLU A 47 6.66 5.69 2.59
N PHE A 48 5.60 4.97 2.65
CA PHE A 48 4.95 4.73 3.91
C PHE A 48 4.56 3.27 4.05
N THR A 49 4.14 2.91 5.24
CA THR A 49 3.71 1.58 5.54
C THR A 49 2.22 1.46 5.20
N ALA A 50 1.86 0.37 4.60
CA ALA A 50 0.49 0.14 4.22
C ALA A 50 -0.18 -0.87 5.14
N ARG A 51 -1.48 -0.90 5.12
CA ARG A 51 -2.27 -1.86 5.87
C ARG A 51 -3.42 -2.28 5.01
N GLY A 52 -3.95 -3.48 5.22
CA GLY A 52 -5.03 -4.02 4.37
C GLY A 52 -6.31 -3.20 4.37
N ASN A 53 -6.46 -2.34 5.35
CA ASN A 53 -7.64 -1.49 5.44
C ASN A 53 -7.44 -0.22 4.64
N GLN A 54 -6.22 -0.02 4.20
CA GLN A 54 -5.85 1.17 3.47
C GLN A 54 -5.55 0.85 2.03
N VAL A 55 -5.77 -0.38 1.62
CA VAL A 55 -5.32 -0.78 0.29
C VAL A 55 -6.43 -1.40 -0.50
N ARG A 56 -6.60 -0.92 -1.70
CA ARG A 56 -7.55 -1.41 -2.61
C ARG A 56 -6.88 -1.61 -3.93
N LEU A 57 -6.87 -2.81 -4.38
CA LEU A 57 -6.20 -3.15 -5.61
C LEU A 57 -7.13 -3.11 -6.81
N ILE A 58 -7.18 -1.93 -7.37
CA ILE A 58 -7.89 -1.56 -8.54
C ILE A 58 -7.39 -0.19 -8.87
N GLU A 59 -7.46 0.21 -10.11
CA GLU A 59 -7.12 1.54 -10.50
C GLU A 59 -8.25 2.13 -11.26
N SER A 1 -7.07 -16.54 6.32
CA SER A 1 -6.76 -17.72 5.54
C SER A 1 -6.02 -17.26 4.31
N ASN A 2 -5.85 -18.12 3.33
CA ASN A 2 -5.19 -17.76 2.08
C ASN A 2 -6.25 -17.23 1.14
N ALA A 3 -5.82 -16.41 0.19
CA ALA A 3 -6.64 -15.81 -0.87
C ALA A 3 -7.44 -14.65 -0.31
N MET A 4 -6.88 -13.99 0.68
CA MET A 4 -7.52 -12.87 1.36
C MET A 4 -6.49 -11.99 2.04
N GLU A 5 -5.24 -12.27 1.82
CA GLU A 5 -4.17 -11.51 2.36
C GLU A 5 -3.57 -10.67 1.26
N LEU A 6 -2.86 -9.66 1.62
CA LEU A 6 -2.26 -8.80 0.64
C LEU A 6 -0.84 -9.17 0.39
N ASP A 7 -0.66 -10.16 -0.41
CA ASP A 7 0.65 -10.49 -0.87
C ASP A 7 0.84 -9.79 -2.16
N LEU A 8 1.17 -8.58 -2.02
CA LEU A 8 1.36 -7.72 -3.11
C LEU A 8 2.83 -7.49 -3.24
N GLN A 9 3.34 -7.84 -4.37
CA GLN A 9 4.74 -7.85 -4.60
C GLN A 9 5.23 -6.48 -5.01
N PRO A 10 6.51 -6.21 -4.78
CA PRO A 10 7.09 -4.94 -5.13
C PRO A 10 7.00 -4.68 -6.64
N GLY A 11 6.42 -3.54 -6.97
CA GLY A 11 6.22 -3.17 -8.34
C GLY A 11 4.74 -3.00 -8.64
N ASP A 12 3.90 -3.56 -7.77
CA ASP A 12 2.44 -3.54 -7.92
C ASP A 12 1.88 -2.11 -7.88
N VAL A 13 0.69 -1.95 -8.42
CA VAL A 13 0.06 -0.65 -8.56
C VAL A 13 -1.21 -0.62 -7.73
N VAL A 14 -1.17 0.11 -6.65
CA VAL A 14 -2.28 0.18 -5.75
C VAL A 14 -2.57 1.61 -5.39
N LYS A 15 -3.61 1.79 -4.66
CA LYS A 15 -3.92 3.03 -4.07
C LYS A 15 -4.11 2.79 -2.62
N VAL A 16 -3.62 3.68 -1.83
CA VAL A 16 -3.69 3.53 -0.42
C VAL A 16 -4.20 4.79 0.18
N LEU A 17 -5.13 4.68 1.08
CA LEU A 17 -5.60 5.82 1.77
C LEU A 17 -4.79 5.92 3.04
N GLU A 18 -3.78 6.76 2.97
CA GLU A 18 -2.89 6.98 4.09
C GLU A 18 -3.65 7.66 5.22
N SER A 19 -4.03 8.86 4.94
CA SER A 19 -4.62 9.73 5.87
C SER A 19 -5.94 10.24 5.31
N ALA A 20 -6.91 10.45 6.18
CA ALA A 20 -8.25 10.89 5.79
C ALA A 20 -8.24 12.28 5.15
N ALA A 21 -7.20 13.04 5.42
CA ALA A 21 -7.05 14.38 4.87
C ALA A 21 -6.34 14.35 3.52
N LEU A 22 -6.05 13.16 3.04
CA LEU A 22 -5.37 12.99 1.77
C LEU A 22 -6.20 12.10 0.85
N GLY A 23 -6.68 11.01 1.40
CA GLY A 23 -7.49 10.11 0.63
C GLY A 23 -6.65 9.02 0.01
N TRP A 24 -7.17 8.43 -1.03
CA TRP A 24 -6.49 7.38 -1.77
C TRP A 24 -5.45 7.97 -2.70
N VAL A 25 -4.22 7.72 -2.40
CA VAL A 25 -3.12 8.14 -3.23
C VAL A 25 -2.62 6.92 -3.98
N ARG A 26 -2.10 7.10 -5.16
CA ARG A 26 -1.79 5.98 -6.01
C ARG A 26 -0.33 5.65 -5.90
N ALA A 27 -0.05 4.44 -5.54
CA ALA A 27 1.27 4.06 -5.16
C ALA A 27 1.72 2.76 -5.78
N ARG A 28 2.99 2.52 -5.62
CA ARG A 28 3.63 1.30 -6.02
C ARG A 28 4.07 0.60 -4.78
N VAL A 29 3.78 -0.67 -4.68
CA VAL A 29 4.31 -1.47 -3.59
C VAL A 29 5.79 -1.54 -3.79
N ILE A 30 6.52 -0.95 -2.90
CA ILE A 30 7.95 -0.91 -3.05
C ILE A 30 8.55 -2.10 -2.46
N ARG A 31 8.05 -2.51 -1.34
CA ARG A 31 8.59 -3.56 -0.72
C ARG A 31 7.69 -4.07 0.34
N VAL A 32 7.94 -5.25 0.68
CA VAL A 32 7.19 -5.90 1.72
C VAL A 32 8.04 -6.01 2.98
N LYS A 33 7.86 -5.04 3.84
CA LYS A 33 8.44 -5.07 5.15
C LYS A 33 7.54 -5.92 5.98
N SER A 34 8.08 -6.55 6.93
CA SER A 34 7.34 -7.54 7.63
C SER A 34 6.49 -6.97 8.78
N GLY A 35 5.62 -7.82 9.31
CA GLY A 35 4.74 -7.45 10.39
C GLY A 35 3.53 -6.71 9.87
N GLY A 36 3.72 -5.45 9.65
CA GLY A 36 2.69 -4.60 9.14
C GLY A 36 3.30 -3.31 8.72
N ARG A 37 4.52 -3.41 8.23
CA ARG A 37 5.32 -2.28 7.86
C ARG A 37 5.44 -2.16 6.39
N VAL A 38 4.49 -2.75 5.71
CA VAL A 38 4.48 -2.80 4.26
C VAL A 38 4.40 -1.40 3.72
N VAL A 39 5.19 -1.13 2.71
CA VAL A 39 5.31 0.20 2.22
C VAL A 39 5.04 0.31 0.76
N VAL A 40 4.46 1.41 0.44
CA VAL A 40 4.14 1.77 -0.89
C VAL A 40 4.65 3.19 -1.10
N GLN A 41 5.19 3.45 -2.23
CA GLN A 41 5.62 4.76 -2.56
C GLN A 41 4.65 5.32 -3.51
N SER A 42 4.01 6.36 -3.09
CA SER A 42 2.96 6.97 -3.83
C SER A 42 3.52 7.87 -4.91
N ASP A 43 2.62 8.32 -5.73
CA ASP A 43 2.81 9.29 -6.80
C ASP A 43 3.66 10.50 -6.34
N GLN A 44 3.47 10.91 -5.12
CA GLN A 44 4.20 11.99 -4.50
C GLN A 44 5.61 11.61 -4.07
N GLY A 45 6.01 10.37 -4.33
CA GLY A 45 7.35 9.93 -3.96
C GLY A 45 7.43 9.50 -2.50
N ARG A 46 6.35 9.67 -1.82
CA ARG A 46 6.22 9.37 -0.42
C ARG A 46 6.05 7.86 -0.18
N GLU A 47 7.11 7.22 0.35
CA GLU A 47 7.02 5.81 0.74
C GLU A 47 6.45 5.76 2.15
N PHE A 48 5.28 5.20 2.30
CA PHE A 48 4.68 5.12 3.60
C PHE A 48 4.19 3.72 3.86
N THR A 49 3.84 3.44 5.09
CA THR A 49 3.45 2.13 5.48
C THR A 49 1.93 2.05 5.62
N ALA A 50 1.34 0.89 5.30
CA ALA A 50 -0.09 0.82 5.26
C ALA A 50 -0.63 -0.46 5.88
N ARG A 51 -1.88 -0.40 6.31
CA ARG A 51 -2.60 -1.56 6.79
C ARG A 51 -3.33 -2.14 5.60
N GLY A 52 -3.68 -3.40 5.64
CA GLY A 52 -4.35 -4.05 4.51
C GLY A 52 -5.70 -3.44 4.16
N ASN A 53 -6.32 -2.78 5.12
CA ASN A 53 -7.62 -2.17 4.89
C ASN A 53 -7.48 -0.76 4.35
N GLN A 54 -6.26 -0.34 4.16
CA GLN A 54 -5.96 0.96 3.62
C GLN A 54 -5.52 0.83 2.18
N VAL A 55 -5.43 -0.39 1.70
CA VAL A 55 -4.83 -0.64 0.41
C VAL A 55 -5.83 -1.28 -0.53
N ARG A 56 -5.81 -0.83 -1.74
CA ARG A 56 -6.63 -1.33 -2.76
C ARG A 56 -5.86 -1.47 -4.02
N LEU A 57 -5.92 -2.62 -4.53
CA LEU A 57 -5.39 -2.91 -5.83
C LEU A 57 -6.55 -2.79 -6.77
N ILE A 58 -6.31 -2.23 -7.95
CA ILE A 58 -7.36 -1.92 -8.92
C ILE A 58 -8.12 -0.66 -8.45
N GLU A 59 -8.54 0.12 -9.40
CA GLU A 59 -9.24 1.35 -9.13
C GLU A 59 -10.66 1.00 -8.61
N SER A 1 -7.47 -12.68 5.93
CA SER A 1 -7.67 -13.84 6.79
C SER A 1 -6.92 -13.63 8.09
N ASN A 2 -6.86 -14.67 8.96
CA ASN A 2 -6.11 -14.59 10.24
C ASN A 2 -4.63 -14.48 9.94
N ALA A 3 -4.26 -14.96 8.80
CA ALA A 3 -2.97 -14.83 8.31
C ALA A 3 -3.14 -13.98 7.09
N MET A 4 -2.36 -12.96 6.99
CA MET A 4 -2.45 -12.02 5.89
C MET A 4 -2.11 -12.66 4.56
N GLU A 5 -3.06 -12.68 3.69
CA GLU A 5 -2.90 -13.14 2.37
C GLU A 5 -2.27 -12.04 1.55
N LEU A 6 -1.44 -12.41 0.66
CA LEU A 6 -0.76 -11.44 -0.17
C LEU A 6 -1.63 -11.02 -1.34
N ASP A 7 -2.38 -9.98 -1.08
CA ASP A 7 -3.29 -9.34 -2.08
C ASP A 7 -2.57 -8.16 -2.70
N LEU A 8 -1.32 -8.13 -2.40
CA LEU A 8 -0.41 -7.10 -2.76
C LEU A 8 0.94 -7.72 -3.07
N GLN A 9 1.65 -7.18 -4.04
CA GLN A 9 3.00 -7.64 -4.41
C GLN A 9 3.85 -6.41 -4.71
N PRO A 10 5.17 -6.49 -4.58
CA PRO A 10 6.05 -5.38 -4.85
C PRO A 10 6.19 -5.13 -6.36
N GLY A 11 6.11 -3.87 -6.73
CA GLY A 11 6.16 -3.49 -8.12
C GLY A 11 4.77 -3.23 -8.66
N ASP A 12 3.79 -3.44 -7.81
CA ASP A 12 2.39 -3.30 -8.19
C ASP A 12 1.94 -1.85 -8.08
N VAL A 13 0.93 -1.52 -8.84
CA VAL A 13 0.36 -0.20 -8.86
C VAL A 13 -0.98 -0.25 -8.11
N VAL A 14 -1.02 0.41 -7.00
CA VAL A 14 -2.14 0.30 -6.11
C VAL A 14 -2.68 1.67 -5.71
N LYS A 15 -3.74 1.64 -4.97
CA LYS A 15 -4.31 2.80 -4.37
C LYS A 15 -4.18 2.64 -2.88
N VAL A 16 -3.68 3.65 -2.24
CA VAL A 16 -3.46 3.61 -0.82
C VAL A 16 -4.05 4.83 -0.20
N LEU A 17 -4.81 4.64 0.83
CA LEU A 17 -5.35 5.74 1.53
C LEU A 17 -4.32 6.17 2.57
N GLU A 18 -3.47 7.09 2.13
CA GLU A 18 -2.36 7.64 2.91
C GLU A 18 -2.89 8.34 4.15
N SER A 19 -3.78 9.26 3.94
CA SER A 19 -4.36 10.00 5.01
C SER A 19 -5.82 10.28 4.70
N ALA A 20 -6.64 10.38 5.73
CA ALA A 20 -8.08 10.58 5.59
C ALA A 20 -8.42 11.94 4.99
N ALA A 21 -7.46 12.85 5.03
CA ALA A 21 -7.66 14.19 4.48
C ALA A 21 -7.26 14.24 3.01
N LEU A 22 -6.93 13.09 2.46
CA LEU A 22 -6.51 12.98 1.07
C LEU A 22 -7.28 11.86 0.38
N GLY A 23 -7.34 10.72 1.04
CA GLY A 23 -8.03 9.61 0.47
C GLY A 23 -7.08 8.65 -0.16
N TRP A 24 -7.59 7.87 -1.08
CA TRP A 24 -6.83 6.92 -1.84
C TRP A 24 -5.95 7.62 -2.87
N VAL A 25 -4.66 7.55 -2.67
CA VAL A 25 -3.70 8.12 -3.58
C VAL A 25 -3.04 6.99 -4.34
N ARG A 26 -2.58 7.26 -5.54
CA ARG A 26 -1.94 6.24 -6.33
C ARG A 26 -0.58 5.93 -5.73
N ALA A 27 -0.31 4.68 -5.55
CA ALA A 27 0.91 4.25 -4.95
C ALA A 27 1.44 3.04 -5.65
N ARG A 28 2.65 2.69 -5.34
CA ARG A 28 3.27 1.51 -5.86
C ARG A 28 3.81 0.75 -4.70
N VAL A 29 3.57 -0.52 -4.68
CA VAL A 29 4.02 -1.34 -3.60
C VAL A 29 5.50 -1.56 -3.75
N ILE A 30 6.24 -1.06 -2.81
CA ILE A 30 7.66 -1.20 -2.83
C ILE A 30 8.02 -2.52 -2.29
N ARG A 31 7.38 -2.88 -1.22
CA ARG A 31 7.68 -4.05 -0.62
C ARG A 31 6.52 -4.51 0.19
N VAL A 32 6.51 -5.76 0.37
CA VAL A 32 5.49 -6.39 1.10
C VAL A 32 5.97 -6.97 2.42
N LYS A 33 5.53 -6.35 3.45
CA LYS A 33 5.65 -6.81 4.77
C LYS A 33 4.26 -7.12 5.22
N SER A 34 4.10 -7.81 6.29
CA SER A 34 2.80 -8.25 6.65
C SER A 34 2.14 -7.36 7.72
N GLY A 35 0.83 -7.52 7.86
CA GLY A 35 0.04 -6.79 8.82
C GLY A 35 -0.22 -5.38 8.38
N GLY A 36 0.65 -4.53 8.77
CA GLY A 36 0.55 -3.17 8.41
C GLY A 36 1.88 -2.57 8.24
N ARG A 37 2.78 -3.38 7.74
CA ARG A 37 4.08 -2.99 7.52
C ARG A 37 4.38 -2.88 6.07
N VAL A 38 3.35 -2.80 5.32
CA VAL A 38 3.43 -2.77 3.88
C VAL A 38 3.95 -1.43 3.47
N VAL A 39 5.01 -1.42 2.78
CA VAL A 39 5.66 -0.20 2.42
C VAL A 39 5.37 0.13 0.97
N VAL A 40 4.68 1.21 0.78
CA VAL A 40 4.22 1.66 -0.51
C VAL A 40 4.66 3.11 -0.71
N GLN A 41 4.91 3.48 -1.94
CA GLN A 41 5.29 4.84 -2.24
C GLN A 41 4.27 5.45 -3.15
N SER A 42 3.81 6.63 -2.81
CA SER A 42 2.87 7.36 -3.64
C SER A 42 3.63 8.21 -4.64
N ASP A 43 2.90 8.87 -5.55
CA ASP A 43 3.51 9.74 -6.58
C ASP A 43 4.01 11.01 -5.94
N GLN A 44 3.65 11.18 -4.69
CA GLN A 44 4.03 12.30 -3.88
C GLN A 44 5.39 11.98 -3.22
N GLY A 45 5.94 10.82 -3.55
CA GLY A 45 7.24 10.39 -3.09
C GLY A 45 7.26 9.84 -1.68
N ARG A 46 6.13 9.79 -1.02
CA ARG A 46 6.11 9.24 0.29
C ARG A 46 6.06 7.75 0.23
N GLU A 47 7.14 7.14 0.65
CA GLU A 47 7.20 5.72 0.83
C GLU A 47 6.92 5.50 2.30
N PHE A 48 5.83 4.86 2.59
CA PHE A 48 5.41 4.71 3.95
C PHE A 48 4.84 3.34 4.23
N THR A 49 4.78 3.01 5.49
CA THR A 49 4.26 1.76 5.95
C THR A 49 2.77 1.91 6.25
N ALA A 50 1.98 1.36 5.40
CA ALA A 50 0.56 1.44 5.48
C ALA A 50 0.02 0.10 5.92
N ARG A 51 -1.18 0.10 6.40
CA ARG A 51 -1.82 -1.12 6.82
C ARG A 51 -2.35 -1.82 5.59
N GLY A 52 -2.47 -3.15 5.64
CA GLY A 52 -2.98 -3.90 4.47
C GLY A 52 -4.47 -3.68 4.24
N ASN A 53 -5.04 -2.78 4.99
CA ASN A 53 -6.42 -2.37 4.82
C ASN A 53 -6.41 -1.06 4.05
N GLN A 54 -5.27 -0.38 4.12
CA GLN A 54 -5.09 0.93 3.51
C GLN A 54 -4.56 0.81 2.11
N VAL A 55 -4.12 -0.37 1.75
CA VAL A 55 -3.56 -0.59 0.43
C VAL A 55 -4.45 -1.55 -0.27
N ARG A 56 -4.90 -1.17 -1.42
CA ARG A 56 -5.72 -1.99 -2.20
C ARG A 56 -5.20 -1.98 -3.59
N LEU A 57 -5.24 -3.11 -4.20
CA LEU A 57 -4.87 -3.26 -5.61
C LEU A 57 -5.80 -2.42 -6.53
N ILE A 58 -5.52 -2.42 -7.81
CA ILE A 58 -6.34 -1.71 -8.77
C ILE A 58 -7.67 -2.40 -9.06
N GLU A 59 -8.57 -2.17 -8.16
CA GLU A 59 -9.94 -2.59 -8.20
C GLU A 59 -10.56 -1.63 -7.21
N SER A 1 -5.10 -14.28 -12.88
CA SER A 1 -6.40 -14.08 -12.29
C SER A 1 -6.22 -14.14 -10.81
N ASN A 2 -6.70 -13.10 -10.10
CA ASN A 2 -6.43 -12.85 -8.66
C ASN A 2 -6.28 -14.07 -7.79
N ALA A 3 -5.05 -14.47 -7.66
CA ALA A 3 -4.64 -15.57 -6.82
C ALA A 3 -3.30 -15.22 -6.22
N MET A 4 -2.46 -14.64 -7.03
CA MET A 4 -1.15 -14.20 -6.58
C MET A 4 -1.03 -12.71 -6.71
N GLU A 5 -1.78 -12.18 -7.62
CA GLU A 5 -1.86 -10.79 -7.85
C GLU A 5 -2.85 -10.18 -6.87
N LEU A 6 -2.30 -9.55 -5.88
CA LEU A 6 -3.01 -8.98 -4.80
C LEU A 6 -2.45 -7.66 -4.60
N ASP A 7 -3.25 -6.85 -4.00
CA ASP A 7 -3.02 -5.44 -3.66
C ASP A 7 -1.88 -5.30 -2.65
N LEU A 8 -0.87 -6.09 -2.79
CA LEU A 8 0.12 -6.21 -1.77
C LEU A 8 1.35 -6.88 -2.34
N GLN A 9 1.69 -6.52 -3.50
CA GLN A 9 2.88 -7.03 -4.15
C GLN A 9 3.90 -5.91 -4.32
N PRO A 10 5.18 -6.22 -4.25
CA PRO A 10 6.21 -5.24 -4.45
C PRO A 10 6.40 -4.97 -5.95
N GLY A 11 6.08 -3.76 -6.34
CA GLY A 11 6.08 -3.38 -7.72
C GLY A 11 4.66 -3.19 -8.21
N ASP A 12 3.72 -3.38 -7.30
CA ASP A 12 2.29 -3.28 -7.58
C ASP A 12 1.87 -1.82 -7.73
N VAL A 13 0.82 -1.58 -8.48
CA VAL A 13 0.33 -0.24 -8.75
C VAL A 13 -1.02 -0.11 -8.08
N VAL A 14 -1.05 0.65 -7.02
CA VAL A 14 -2.19 0.68 -6.15
C VAL A 14 -2.59 2.09 -5.80
N LYS A 15 -3.61 2.15 -5.02
CA LYS A 15 -4.08 3.32 -4.39
C LYS A 15 -4.09 3.02 -2.90
N VAL A 16 -3.63 3.93 -2.12
CA VAL A 16 -3.53 3.73 -0.70
C VAL A 16 -4.24 4.84 0.02
N LEU A 17 -5.12 4.47 0.88
CA LEU A 17 -5.84 5.40 1.71
C LEU A 17 -4.97 5.68 2.93
N GLU A 18 -4.10 6.65 2.76
CA GLU A 18 -3.15 7.03 3.79
C GLU A 18 -3.87 7.63 4.97
N SER A 19 -4.58 8.68 4.71
CA SER A 19 -5.26 9.40 5.72
C SER A 19 -6.68 9.59 5.27
N ALA A 20 -7.57 9.80 6.22
CA ALA A 20 -8.96 10.05 5.91
C ALA A 20 -9.11 11.45 5.33
N ALA A 21 -8.11 12.29 5.58
CA ALA A 21 -8.11 13.65 5.09
C ALA A 21 -7.42 13.75 3.73
N LEU A 22 -6.70 12.71 3.36
CA LEU A 22 -5.99 12.70 2.08
C LEU A 22 -6.67 11.77 1.08
N GLY A 23 -7.15 10.66 1.58
CA GLY A 23 -7.82 9.71 0.74
C GLY A 23 -6.86 8.77 0.05
N TRP A 24 -7.41 7.98 -0.83
CA TRP A 24 -6.68 7.07 -1.69
C TRP A 24 -5.72 7.82 -2.62
N VAL A 25 -4.45 7.71 -2.33
CA VAL A 25 -3.42 8.29 -3.16
C VAL A 25 -2.84 7.21 -4.03
N ARG A 26 -2.43 7.54 -5.25
CA ARG A 26 -1.80 6.56 -6.12
C ARG A 26 -0.46 6.19 -5.49
N ALA A 27 -0.14 4.94 -5.50
CA ALA A 27 1.05 4.48 -4.90
C ALA A 27 1.53 3.25 -5.59
N ARG A 28 2.70 2.82 -5.24
CA ARG A 28 3.23 1.60 -5.69
C ARG A 28 3.84 0.93 -4.50
N VAL A 29 3.48 -0.30 -4.28
CA VAL A 29 3.99 -1.05 -3.15
C VAL A 29 5.42 -1.36 -3.42
N ILE A 30 6.26 -0.91 -2.56
CA ILE A 30 7.68 -1.10 -2.73
C ILE A 30 8.07 -2.39 -2.17
N ARG A 31 7.55 -2.69 -1.03
CA ARG A 31 7.95 -3.81 -0.40
C ARG A 31 6.89 -4.34 0.47
N VAL A 32 6.87 -5.59 0.51
CA VAL A 32 5.92 -6.31 1.30
C VAL A 32 6.45 -6.74 2.65
N LYS A 33 5.86 -6.15 3.64
CA LYS A 33 5.96 -6.53 4.99
C LYS A 33 4.56 -6.73 5.47
N SER A 34 4.40 -7.36 6.56
CA SER A 34 3.07 -7.65 6.98
C SER A 34 2.63 -6.79 8.17
N GLY A 35 1.40 -6.99 8.60
CA GLY A 35 0.83 -6.25 9.69
C GLY A 35 0.46 -4.85 9.27
N GLY A 36 1.38 -3.95 9.47
CA GLY A 36 1.19 -2.60 9.09
C GLY A 36 2.47 -2.00 8.63
N ARG A 37 3.38 -2.85 8.19
CA ARG A 37 4.64 -2.41 7.75
C ARG A 37 4.78 -2.56 6.27
N VAL A 38 3.66 -2.59 5.63
CA VAL A 38 3.60 -2.67 4.18
C VAL A 38 4.06 -1.34 3.68
N VAL A 39 5.07 -1.35 2.90
CA VAL A 39 5.69 -0.12 2.51
C VAL A 39 5.32 0.21 1.08
N VAL A 40 4.80 1.39 0.90
CA VAL A 40 4.30 1.84 -0.34
C VAL A 40 4.81 3.21 -0.59
N GLN A 41 5.04 3.51 -1.78
CA GLN A 41 5.49 4.80 -2.14
C GLN A 41 4.42 5.41 -2.96
N SER A 42 3.97 6.57 -2.56
CA SER A 42 2.98 7.25 -3.32
C SER A 42 3.61 7.72 -4.62
N ASP A 43 2.79 8.10 -5.55
CA ASP A 43 3.21 8.48 -6.92
C ASP A 43 4.23 9.61 -6.90
N GLN A 44 4.08 10.45 -5.88
CA GLN A 44 4.91 11.61 -5.61
C GLN A 44 6.32 11.23 -5.13
N GLY A 45 6.56 9.95 -4.92
CA GLY A 45 7.89 9.51 -4.54
C GLY A 45 8.05 9.36 -3.03
N ARG A 46 7.03 9.74 -2.31
CA ARG A 46 7.03 9.65 -0.88
C ARG A 46 6.65 8.24 -0.42
N GLU A 47 7.62 7.54 0.13
CA GLU A 47 7.46 6.18 0.63
C GLU A 47 7.04 6.22 2.10
N PHE A 48 6.08 5.40 2.45
CA PHE A 48 5.57 5.31 3.79
C PHE A 48 5.04 3.91 4.03
N THR A 49 4.46 3.67 5.18
CA THR A 49 3.97 2.37 5.52
C THR A 49 2.48 2.46 5.84
N ALA A 50 1.75 1.43 5.47
CA ALA A 50 0.31 1.36 5.68
C ALA A 50 -0.08 -0.08 5.94
N ARG A 51 -1.35 -0.35 6.11
CA ARG A 51 -1.79 -1.71 6.33
C ARG A 51 -2.48 -2.22 5.10
N GLY A 52 -2.68 -3.53 5.01
CA GLY A 52 -3.36 -4.14 3.86
C GLY A 52 -4.88 -3.97 3.92
N ASN A 53 -5.29 -2.90 4.55
CA ASN A 53 -6.68 -2.49 4.62
C ASN A 53 -6.77 -1.16 3.93
N GLN A 54 -5.60 -0.58 3.77
CA GLN A 54 -5.44 0.74 3.22
C GLN A 54 -4.96 0.68 1.80
N VAL A 55 -4.71 -0.50 1.30
CA VAL A 55 -4.15 -0.65 -0.03
C VAL A 55 -5.10 -1.38 -0.89
N ARG A 56 -5.19 -0.94 -2.11
CA ARG A 56 -6.02 -1.50 -3.09
C ARG A 56 -5.44 -1.33 -4.43
N LEU A 57 -5.60 -2.32 -5.23
CA LEU A 57 -5.27 -2.29 -6.65
C LEU A 57 -6.04 -1.15 -7.35
N ILE A 58 -5.68 -0.89 -8.58
CA ILE A 58 -6.38 0.09 -9.38
C ILE A 58 -7.76 -0.42 -9.84
N GLU A 59 -8.67 -0.30 -8.92
CA GLU A 59 -10.07 -0.65 -9.02
C GLU A 59 -10.74 0.09 -7.86
N SER A 1 -3.29 -17.51 4.39
CA SER A 1 -4.50 -18.08 3.80
C SER A 1 -5.56 -17.00 3.75
N ASN A 2 -6.27 -16.79 4.85
CA ASN A 2 -7.14 -15.64 4.98
C ASN A 2 -6.23 -14.58 5.48
N ALA A 3 -5.69 -13.82 4.53
CA ALA A 3 -4.60 -12.88 4.72
C ALA A 3 -3.30 -13.68 4.85
N MET A 4 -2.25 -13.12 4.36
CA MET A 4 -0.95 -13.75 4.43
C MET A 4 -0.12 -12.96 5.43
N GLU A 5 1.18 -13.06 5.34
CA GLU A 5 2.03 -12.29 6.20
C GLU A 5 2.33 -10.96 5.58
N LEU A 6 2.53 -11.03 4.35
CA LEU A 6 2.76 -9.93 3.47
C LEU A 6 2.22 -10.26 2.09
N ASP A 7 0.96 -10.00 1.90
CA ASP A 7 0.29 -10.30 0.64
C ASP A 7 0.34 -9.17 -0.34
N LEU A 8 1.10 -8.21 0.02
CA LEU A 8 1.36 -7.08 -0.80
C LEU A 8 2.75 -7.27 -1.35
N GLN A 9 2.87 -7.38 -2.62
CA GLN A 9 4.14 -7.66 -3.21
C GLN A 9 4.67 -6.45 -3.98
N PRO A 10 5.99 -6.28 -3.98
CA PRO A 10 6.65 -5.18 -4.67
C PRO A 10 6.39 -5.21 -6.18
N GLY A 11 5.81 -4.15 -6.69
CA GLY A 11 5.53 -4.05 -8.09
C GLY A 11 4.09 -3.68 -8.36
N ASP A 12 3.22 -3.94 -7.39
CA ASP A 12 1.78 -3.74 -7.55
C ASP A 12 1.42 -2.27 -7.56
N VAL A 13 0.39 -1.92 -8.28
CA VAL A 13 -0.06 -0.54 -8.43
C VAL A 13 -1.37 -0.43 -7.71
N VAL A 14 -1.40 0.39 -6.70
CA VAL A 14 -2.50 0.41 -5.80
C VAL A 14 -3.01 1.81 -5.53
N LYS A 15 -4.15 1.85 -4.96
CA LYS A 15 -4.72 3.03 -4.40
C LYS A 15 -4.71 2.78 -2.92
N VAL A 16 -4.14 3.67 -2.23
CA VAL A 16 -4.01 3.52 -0.82
C VAL A 16 -4.43 4.78 -0.13
N LEU A 17 -5.22 4.64 0.88
CA LEU A 17 -5.62 5.77 1.61
C LEU A 17 -4.52 6.11 2.61
N GLU A 18 -3.62 6.96 2.12
CA GLU A 18 -2.41 7.39 2.80
C GLU A 18 -2.72 8.16 4.07
N SER A 19 -3.56 9.14 3.93
CA SER A 19 -3.91 9.98 5.00
C SER A 19 -5.36 10.41 4.83
N ALA A 20 -6.07 10.55 5.94
CA ALA A 20 -7.51 10.88 5.93
C ALA A 20 -7.81 12.22 5.26
N ALA A 21 -6.84 13.11 5.25
CA ALA A 21 -7.01 14.44 4.65
C ALA A 21 -6.61 14.44 3.18
N LEU A 22 -6.34 13.26 2.65
CA LEU A 22 -5.94 13.12 1.25
C LEU A 22 -6.80 12.08 0.57
N GLY A 23 -7.01 10.97 1.25
CA GLY A 23 -7.81 9.93 0.70
C GLY A 23 -6.97 8.88 0.03
N TRP A 24 -7.56 8.21 -0.92
CA TRP A 24 -6.91 7.20 -1.71
C TRP A 24 -5.95 7.84 -2.70
N VAL A 25 -4.69 7.60 -2.50
CA VAL A 25 -3.66 8.15 -3.36
C VAL A 25 -3.12 7.05 -4.23
N ARG A 26 -2.49 7.43 -5.30
CA ARG A 26 -1.85 6.52 -6.21
C ARG A 26 -0.52 6.12 -5.63
N ALA A 27 -0.26 4.85 -5.61
CA ALA A 27 0.96 4.35 -5.04
C ALA A 27 1.29 3.02 -5.65
N ARG A 28 2.44 2.54 -5.31
CA ARG A 28 2.90 1.27 -5.77
C ARG A 28 3.52 0.58 -4.61
N VAL A 29 3.20 -0.68 -4.43
CA VAL A 29 3.82 -1.46 -3.41
C VAL A 29 5.21 -1.65 -3.90
N ILE A 30 6.13 -1.18 -3.18
CA ILE A 30 7.47 -1.18 -3.65
C ILE A 30 8.32 -2.17 -2.95
N ARG A 31 8.04 -2.38 -1.70
CA ARG A 31 8.86 -3.12 -0.95
C ARG A 31 8.19 -3.71 0.24
N VAL A 32 8.77 -4.74 0.66
CA VAL A 32 8.48 -5.39 1.86
C VAL A 32 9.68 -5.12 2.80
N LYS A 33 9.41 -4.54 3.92
CA LYS A 33 10.43 -4.25 4.91
C LYS A 33 10.35 -5.32 5.95
N SER A 34 11.02 -5.12 7.02
CA SER A 34 10.85 -5.98 8.10
C SER A 34 10.25 -5.18 9.25
N GLY A 35 9.71 -5.86 10.23
CA GLY A 35 9.11 -5.18 11.36
C GLY A 35 7.66 -4.84 11.09
N GLY A 36 7.13 -5.35 9.99
CA GLY A 36 5.74 -5.11 9.67
C GLY A 36 5.56 -4.01 8.64
N ARG A 37 6.67 -3.42 8.21
CA ARG A 37 6.58 -2.39 7.24
C ARG A 37 6.34 -2.85 5.84
N VAL A 38 5.17 -2.55 5.38
CA VAL A 38 4.83 -2.77 4.00
C VAL A 38 5.03 -1.45 3.34
N VAL A 39 5.74 -1.43 2.28
CA VAL A 39 6.07 -0.23 1.65
C VAL A 39 5.31 0.00 0.39
N VAL A 40 4.70 1.11 0.37
CA VAL A 40 4.08 1.63 -0.79
C VAL A 40 4.55 3.05 -0.85
N GLN A 41 4.81 3.51 -1.99
CA GLN A 41 5.24 4.85 -2.15
C GLN A 41 4.35 5.52 -3.09
N SER A 42 3.81 6.62 -2.68
CA SER A 42 2.96 7.38 -3.55
C SER A 42 3.86 8.16 -4.49
N ASP A 43 3.28 8.74 -5.52
CA ASP A 43 4.04 9.50 -6.51
C ASP A 43 4.48 10.84 -5.95
N GLN A 44 4.05 11.12 -4.74
CA GLN A 44 4.51 12.25 -3.97
C GLN A 44 5.95 11.97 -3.49
N GLY A 45 6.33 10.70 -3.53
CA GLY A 45 7.65 10.27 -3.09
C GLY A 45 7.64 9.86 -1.64
N ARG A 46 6.46 9.74 -1.09
CA ARG A 46 6.29 9.39 0.28
C ARG A 46 6.25 7.87 0.44
N GLU A 47 7.35 7.28 0.92
CA GLU A 47 7.37 5.86 1.25
C GLU A 47 6.71 5.72 2.60
N PHE A 48 5.63 5.02 2.68
CA PHE A 48 4.97 4.87 3.93
C PHE A 48 4.56 3.44 4.13
N THR A 49 4.02 3.16 5.28
CA THR A 49 3.62 1.84 5.64
C THR A 49 2.14 1.72 5.44
N ALA A 50 1.74 0.84 4.59
CA ALA A 50 0.35 0.66 4.33
C ALA A 50 -0.15 -0.65 4.88
N ARG A 51 -1.31 -0.63 5.51
CA ARG A 51 -1.92 -1.83 6.02
C ARG A 51 -2.82 -2.40 4.96
N GLY A 52 -3.06 -3.70 4.97
CA GLY A 52 -3.98 -4.34 3.99
C GLY A 52 -5.45 -4.03 4.27
N ASN A 53 -5.68 -2.89 4.85
CA ASN A 53 -7.00 -2.37 5.17
C ASN A 53 -7.10 -1.00 4.53
N GLN A 54 -5.96 -0.56 4.03
CA GLN A 54 -5.79 0.76 3.46
C GLN A 54 -5.44 0.65 2.00
N VAL A 55 -5.31 -0.57 1.51
CA VAL A 55 -4.79 -0.78 0.18
C VAL A 55 -5.76 -1.56 -0.61
N ARG A 56 -5.93 -1.13 -1.80
CA ARG A 56 -6.71 -1.76 -2.76
C ARG A 56 -5.93 -1.64 -4.03
N LEU A 57 -5.84 -2.70 -4.76
CA LEU A 57 -5.17 -2.65 -6.05
C LEU A 57 -6.00 -1.87 -7.09
N ILE A 58 -5.56 -1.88 -8.32
CA ILE A 58 -6.27 -1.23 -9.40
C ILE A 58 -7.65 -1.82 -9.69
N GLU A 59 -8.63 -1.23 -9.05
CA GLU A 59 -10.02 -1.55 -9.15
C GLU A 59 -10.75 -0.35 -8.61
N SER A 1 8.07 -16.00 14.02
CA SER A 1 7.32 -16.45 12.87
C SER A 1 5.86 -16.17 13.13
N ASN A 2 5.20 -15.52 12.19
CA ASN A 2 3.82 -15.11 12.37
C ASN A 2 3.10 -15.30 11.08
N ALA A 3 1.82 -15.56 11.14
CA ALA A 3 1.03 -15.76 9.96
C ALA A 3 0.51 -14.43 9.48
N MET A 4 1.21 -13.84 8.54
CA MET A 4 0.82 -12.59 7.97
C MET A 4 0.74 -12.73 6.47
N GLU A 5 -0.43 -13.00 5.98
CA GLU A 5 -0.61 -13.14 4.56
C GLU A 5 -0.98 -11.82 3.91
N LEU A 6 0.00 -11.22 3.31
CA LEU A 6 -0.17 -9.97 2.62
C LEU A 6 0.22 -10.17 1.20
N ASP A 7 -0.75 -10.48 0.40
CA ASP A 7 -0.54 -10.75 -1.01
C ASP A 7 -0.46 -9.45 -1.76
N LEU A 8 0.73 -8.94 -1.74
CA LEU A 8 1.13 -7.72 -2.37
C LEU A 8 2.58 -7.91 -2.78
N GLN A 9 2.93 -7.47 -3.94
CA GLN A 9 4.26 -7.63 -4.44
C GLN A 9 4.88 -6.27 -4.76
N PRO A 10 6.22 -6.19 -4.76
CA PRO A 10 6.91 -4.97 -5.10
C PRO A 10 6.74 -4.65 -6.58
N GLY A 11 6.01 -3.60 -6.85
CA GLY A 11 5.73 -3.21 -8.19
C GLY A 11 4.26 -2.93 -8.39
N ASP A 12 3.42 -3.46 -7.49
CA ASP A 12 1.97 -3.31 -7.58
C ASP A 12 1.53 -1.87 -7.56
N VAL A 13 0.77 -1.50 -8.56
CA VAL A 13 0.20 -0.18 -8.66
C VAL A 13 -1.20 -0.25 -8.10
N VAL A 14 -1.36 0.25 -6.92
CA VAL A 14 -2.61 0.14 -6.20
C VAL A 14 -3.04 1.48 -5.63
N LYS A 15 -4.19 1.50 -5.02
CA LYS A 15 -4.68 2.66 -4.35
C LYS A 15 -4.55 2.46 -2.87
N VAL A 16 -3.88 3.35 -2.25
CA VAL A 16 -3.64 3.28 -0.84
C VAL A 16 -4.07 4.59 -0.23
N LEU A 17 -4.78 4.52 0.85
CA LEU A 17 -5.13 5.70 1.54
C LEU A 17 -4.00 6.04 2.47
N GLU A 18 -3.20 6.97 2.02
CA GLU A 18 -2.03 7.45 2.71
C GLU A 18 -2.46 8.31 3.89
N SER A 19 -3.04 9.41 3.54
CA SER A 19 -3.39 10.42 4.46
C SER A 19 -4.88 10.66 4.39
N ALA A 20 -5.50 10.87 5.54
CA ALA A 20 -6.95 11.09 5.62
C ALA A 20 -7.39 12.38 4.92
N ALA A 21 -6.44 13.28 4.73
CA ALA A 21 -6.73 14.55 4.07
C ALA A 21 -6.53 14.44 2.56
N LEU A 22 -6.22 13.25 2.10
CA LEU A 22 -6.01 13.00 0.68
C LEU A 22 -6.92 11.87 0.21
N GLY A 23 -6.97 10.82 1.00
CA GLY A 23 -7.80 9.70 0.67
C GLY A 23 -6.99 8.65 -0.05
N TRP A 24 -7.65 7.93 -0.89
CA TRP A 24 -7.05 6.88 -1.68
C TRP A 24 -6.23 7.48 -2.79
N VAL A 25 -4.94 7.37 -2.66
CA VAL A 25 -4.04 7.88 -3.65
C VAL A 25 -3.37 6.75 -4.37
N ARG A 26 -2.76 7.05 -5.48
CA ARG A 26 -2.08 6.08 -6.27
C ARG A 26 -0.71 5.84 -5.70
N ALA A 27 -0.42 4.62 -5.40
CA ALA A 27 0.82 4.25 -4.78
C ALA A 27 1.33 2.94 -5.36
N ARG A 28 2.59 2.67 -5.15
CA ARG A 28 3.19 1.43 -5.57
C ARG A 28 3.81 0.75 -4.40
N VAL A 29 3.61 -0.53 -4.32
CA VAL A 29 4.23 -1.34 -3.31
C VAL A 29 5.70 -1.45 -3.66
N ILE A 30 6.54 -0.90 -2.82
CA ILE A 30 7.95 -0.94 -3.07
C ILE A 30 8.50 -2.21 -2.62
N ARG A 31 8.04 -2.67 -1.49
CA ARG A 31 8.53 -3.80 -0.98
C ARG A 31 7.58 -4.37 0.01
N VAL A 32 7.74 -5.59 0.20
CA VAL A 32 6.89 -6.32 1.11
C VAL A 32 7.67 -6.75 2.34
N LYS A 33 7.24 -6.23 3.45
CA LYS A 33 7.78 -6.54 4.72
C LYS A 33 6.76 -7.11 5.60
N SER A 34 7.22 -7.69 6.63
CA SER A 34 6.37 -8.25 7.57
C SER A 34 6.11 -7.27 8.72
N GLY A 35 5.22 -7.63 9.64
CA GLY A 35 4.86 -6.73 10.72
C GLY A 35 3.86 -5.70 10.22
N GLY A 36 3.45 -5.88 8.98
CA GLY A 36 2.58 -4.96 8.34
C GLY A 36 3.35 -3.76 7.87
N ARG A 37 4.65 -3.95 7.62
CA ARG A 37 5.51 -2.88 7.16
C ARG A 37 5.62 -2.94 5.69
N VAL A 38 4.53 -3.18 5.12
CA VAL A 38 4.38 -3.19 3.70
C VAL A 38 4.57 -1.80 3.18
N VAL A 39 5.57 -1.67 2.40
CA VAL A 39 6.02 -0.41 1.94
C VAL A 39 5.39 -0.05 0.65
N VAL A 40 4.84 1.10 0.62
CA VAL A 40 4.27 1.64 -0.56
C VAL A 40 4.69 3.07 -0.61
N GLN A 41 4.74 3.62 -1.78
CA GLN A 41 5.08 5.00 -1.94
C GLN A 41 4.09 5.65 -2.86
N SER A 42 3.52 6.72 -2.40
CA SER A 42 2.60 7.52 -3.17
C SER A 42 3.36 8.27 -4.27
N ASP A 43 2.65 8.75 -5.28
CA ASP A 43 3.25 9.53 -6.40
C ASP A 43 3.97 10.80 -5.94
N GLN A 44 3.71 11.22 -4.71
CA GLN A 44 4.35 12.41 -4.18
C GLN A 44 5.69 12.05 -3.50
N GLY A 45 6.17 10.83 -3.76
CA GLY A 45 7.48 10.40 -3.27
C GLY A 45 7.52 10.20 -1.77
N ARG A 46 6.42 9.74 -1.24
CA ARG A 46 6.28 9.52 0.13
C ARG A 46 6.15 8.04 0.42
N GLU A 47 7.18 7.46 1.02
CA GLU A 47 7.16 6.07 1.43
C GLU A 47 6.49 6.00 2.79
N PHE A 48 5.69 5.01 3.00
CA PHE A 48 5.05 4.79 4.27
C PHE A 48 4.71 3.33 4.43
N THR A 49 4.34 2.98 5.62
CA THR A 49 3.96 1.65 5.92
C THR A 49 2.44 1.58 5.86
N ALA A 50 1.94 0.69 5.07
CA ALA A 50 0.54 0.61 4.89
C ALA A 50 -0.04 -0.55 5.66
N ARG A 51 -1.33 -0.57 5.79
CA ARG A 51 -2.01 -1.67 6.42
C ARG A 51 -2.97 -2.23 5.42
N GLY A 52 -3.33 -3.50 5.53
CA GLY A 52 -4.18 -4.17 4.52
C GLY A 52 -5.55 -3.53 4.30
N ASN A 53 -6.01 -2.75 5.25
CA ASN A 53 -7.30 -2.09 5.11
C ASN A 53 -7.15 -0.73 4.47
N GLN A 54 -5.91 -0.31 4.29
CA GLN A 54 -5.62 0.96 3.70
C GLN A 54 -5.15 0.74 2.28
N VAL A 55 -5.12 -0.50 1.85
CA VAL A 55 -4.62 -0.84 0.53
C VAL A 55 -5.68 -1.55 -0.22
N ARG A 56 -5.86 -1.14 -1.42
CA ARG A 56 -6.77 -1.72 -2.28
C ARG A 56 -6.15 -1.82 -3.62
N LEU A 57 -6.33 -2.93 -4.20
CA LEU A 57 -5.90 -3.19 -5.56
C LEU A 57 -6.78 -2.39 -6.53
N ILE A 58 -6.57 -2.56 -7.81
CA ILE A 58 -7.42 -1.93 -8.81
C ILE A 58 -8.83 -2.55 -8.86
N GLU A 59 -9.56 -2.23 -7.85
CA GLU A 59 -10.92 -2.63 -7.61
C GLU A 59 -11.50 -1.54 -6.70
N SER A 1 -4.59 -16.82 4.94
CA SER A 1 -5.13 -17.20 3.66
C SER A 1 -6.53 -16.64 3.57
N ASN A 2 -6.64 -15.48 2.99
CA ASN A 2 -7.88 -14.75 2.85
C ASN A 2 -7.54 -13.58 1.95
N ALA A 3 -8.43 -12.64 1.80
CA ALA A 3 -8.17 -11.48 1.00
C ALA A 3 -7.98 -10.27 1.92
N MET A 4 -7.46 -10.50 3.12
CA MET A 4 -7.32 -9.41 4.09
C MET A 4 -5.86 -9.07 4.30
N GLU A 5 -5.04 -10.02 4.05
CA GLU A 5 -3.64 -9.89 4.12
C GLU A 5 -3.12 -9.43 2.78
N LEU A 6 -2.15 -8.58 2.82
CA LEU A 6 -1.62 -8.00 1.62
C LEU A 6 -0.46 -8.77 1.10
N ASP A 7 -0.73 -9.66 0.21
CA ASP A 7 0.34 -10.26 -0.56
C ASP A 7 0.44 -9.51 -1.82
N LEU A 8 1.21 -8.50 -1.75
CA LEU A 8 1.43 -7.61 -2.82
C LEU A 8 2.90 -7.58 -3.08
N GLN A 9 3.26 -7.83 -4.28
CA GLN A 9 4.63 -7.93 -4.64
C GLN A 9 5.21 -6.56 -4.94
N PRO A 10 6.53 -6.41 -4.77
CA PRO A 10 7.20 -5.17 -5.04
C PRO A 10 7.17 -4.84 -6.53
N GLY A 11 6.32 -3.93 -6.87
CA GLY A 11 6.10 -3.58 -8.24
C GLY A 11 4.65 -3.31 -8.51
N ASP A 12 3.80 -3.76 -7.59
CA ASP A 12 2.34 -3.63 -7.71
C ASP A 12 1.95 -2.17 -7.54
N VAL A 13 0.79 -1.81 -8.02
CA VAL A 13 0.31 -0.44 -7.99
C VAL A 13 -1.12 -0.44 -7.45
N VAL A 14 -1.29 0.13 -6.30
CA VAL A 14 -2.56 0.09 -5.60
C VAL A 14 -2.93 1.48 -5.11
N LYS A 15 -4.14 1.62 -4.67
CA LYS A 15 -4.58 2.84 -4.06
C LYS A 15 -4.61 2.66 -2.58
N VAL A 16 -3.91 3.51 -1.91
CA VAL A 16 -3.79 3.44 -0.49
C VAL A 16 -4.25 4.75 0.09
N LEU A 17 -5.11 4.68 1.04
CA LEU A 17 -5.52 5.86 1.72
C LEU A 17 -4.61 6.03 2.91
N GLU A 18 -3.71 6.97 2.79
CA GLU A 18 -2.79 7.25 3.86
C GLU A 18 -3.53 7.97 4.98
N SER A 19 -3.88 9.19 4.67
CA SER A 19 -4.46 10.09 5.58
C SER A 19 -5.78 10.58 5.02
N ALA A 20 -6.73 10.86 5.91
CA ALA A 20 -8.08 11.30 5.52
C ALA A 20 -8.05 12.63 4.76
N ALA A 21 -7.01 13.41 4.95
CA ALA A 21 -6.88 14.71 4.29
C ALA A 21 -6.26 14.57 2.90
N LEU A 22 -5.91 13.34 2.53
CA LEU A 22 -5.33 13.07 1.22
C LEU A 22 -6.22 12.13 0.46
N GLY A 23 -6.71 11.12 1.15
CA GLY A 23 -7.57 10.17 0.53
C GLY A 23 -6.78 9.05 -0.08
N TRP A 24 -7.38 8.40 -1.04
CA TRP A 24 -6.76 7.31 -1.75
C TRP A 24 -5.73 7.83 -2.75
N VAL A 25 -4.49 7.59 -2.43
CA VAL A 25 -3.42 7.98 -3.29
C VAL A 25 -2.85 6.73 -3.93
N ARG A 26 -2.42 6.85 -5.15
CA ARG A 26 -1.92 5.74 -5.86
C ARG A 26 -0.47 5.52 -5.54
N ALA A 27 -0.17 4.34 -5.11
CA ALA A 27 1.15 4.02 -4.65
C ALA A 27 1.61 2.71 -5.20
N ARG A 28 2.90 2.59 -5.33
CA ARG A 28 3.51 1.39 -5.80
C ARG A 28 4.16 0.69 -4.66
N VAL A 29 3.89 -0.59 -4.53
CA VAL A 29 4.53 -1.40 -3.51
C VAL A 29 5.98 -1.50 -3.90
N ILE A 30 6.83 -0.94 -3.11
CA ILE A 30 8.22 -0.97 -3.42
C ILE A 30 8.85 -2.16 -2.79
N ARG A 31 8.45 -2.43 -1.59
CA ARG A 31 9.00 -3.45 -0.86
C ARG A 31 8.05 -3.94 0.16
N VAL A 32 8.10 -5.17 0.34
CA VAL A 32 7.38 -5.83 1.36
C VAL A 32 8.30 -6.02 2.58
N LYS A 33 8.28 -5.02 3.43
CA LYS A 33 8.99 -5.04 4.68
C LYS A 33 8.11 -5.74 5.66
N SER A 34 8.69 -6.31 6.64
CA SER A 34 7.92 -7.12 7.53
C SER A 34 7.58 -6.35 8.82
N GLY A 35 6.95 -7.04 9.75
CA GLY A 35 6.51 -6.45 11.00
C GLY A 35 5.22 -5.68 10.81
N GLY A 36 5.30 -4.68 10.00
CA GLY A 36 4.19 -3.84 9.66
C GLY A 36 4.72 -2.62 8.99
N ARG A 37 5.60 -2.85 8.05
CA ARG A 37 6.28 -1.79 7.39
C ARG A 37 6.23 -1.97 5.91
N VAL A 38 5.19 -2.64 5.48
CA VAL A 38 4.95 -2.91 4.05
C VAL A 38 4.94 -1.58 3.35
N VAL A 39 5.77 -1.46 2.38
CA VAL A 39 6.06 -0.20 1.83
C VAL A 39 5.53 0.02 0.45
N VAL A 40 4.91 1.14 0.32
CA VAL A 40 4.42 1.63 -0.89
C VAL A 40 4.86 3.08 -0.98
N GLN A 41 5.08 3.56 -2.15
CA GLN A 41 5.40 4.93 -2.33
C GLN A 41 4.46 5.51 -3.32
N SER A 42 3.80 6.54 -2.90
CA SER A 42 2.87 7.24 -3.71
C SER A 42 3.58 8.14 -4.72
N ASP A 43 2.80 8.64 -5.66
CA ASP A 43 3.23 9.57 -6.72
C ASP A 43 3.82 10.85 -6.15
N GLN A 44 3.53 11.06 -4.90
CA GLN A 44 3.97 12.21 -4.15
C GLN A 44 5.40 11.97 -3.60
N GLY A 45 6.03 10.86 -4.04
CA GLY A 45 7.38 10.49 -3.59
C GLY A 45 7.40 10.28 -2.10
N ARG A 46 6.40 9.62 -1.64
CA ARG A 46 6.15 9.47 -0.26
C ARG A 46 6.06 7.98 0.08
N GLU A 47 7.11 7.45 0.70
CA GLU A 47 7.13 6.07 1.15
C GLU A 47 6.42 6.01 2.50
N PHE A 48 5.54 5.07 2.65
CA PHE A 48 4.90 4.85 3.93
C PHE A 48 4.49 3.40 4.07
N THR A 49 3.98 3.06 5.22
CA THR A 49 3.57 1.73 5.49
C THR A 49 2.10 1.59 5.14
N ALA A 50 1.74 0.46 4.63
CA ALA A 50 0.39 0.22 4.19
C ALA A 50 -0.24 -0.92 4.96
N ARG A 51 -1.53 -0.81 5.17
CA ARG A 51 -2.30 -1.80 5.89
C ARG A 51 -3.46 -2.25 5.02
N GLY A 52 -3.91 -3.49 5.18
CA GLY A 52 -4.98 -4.05 4.33
C GLY A 52 -6.29 -3.29 4.35
N ASN A 53 -6.49 -2.49 5.38
CA ASN A 53 -7.71 -1.71 5.51
C ASN A 53 -7.60 -0.42 4.72
N GLN A 54 -6.40 -0.13 4.31
CA GLN A 54 -6.08 1.08 3.63
C GLN A 54 -5.64 0.81 2.21
N VAL A 55 -5.63 -0.44 1.82
CA VAL A 55 -5.10 -0.77 0.49
C VAL A 55 -6.05 -1.57 -0.26
N ARG A 56 -6.36 -1.07 -1.41
CA ARG A 56 -7.20 -1.69 -2.29
C ARG A 56 -6.52 -1.65 -3.62
N LEU A 57 -6.58 -2.73 -4.32
CA LEU A 57 -6.11 -2.77 -5.72
C LEU A 57 -6.84 -1.73 -6.60
N ILE A 58 -6.34 -1.50 -7.80
CA ILE A 58 -6.95 -0.54 -8.68
C ILE A 58 -8.27 -1.06 -9.20
N GLU A 59 -9.26 -0.36 -8.80
CA GLU A 59 -10.67 -0.52 -9.06
C GLU A 59 -11.29 0.48 -8.09
N SER A 1 -3.89 -13.49 16.47
CA SER A 1 -4.36 -12.92 15.23
C SER A 1 -3.16 -12.44 14.47
N ASN A 2 -2.94 -13.02 13.31
CA ASN A 2 -1.73 -12.72 12.56
C ASN A 2 -2.11 -12.10 11.26
N ALA A 3 -1.64 -10.91 11.02
CA ALA A 3 -1.94 -10.22 9.79
C ALA A 3 -0.97 -10.64 8.70
N MET A 4 -1.28 -11.73 8.06
CA MET A 4 -0.42 -12.27 7.00
C MET A 4 -1.10 -12.13 5.65
N GLU A 5 -2.35 -11.75 5.68
CA GLU A 5 -3.13 -11.60 4.48
C GLU A 5 -2.86 -10.27 3.84
N LEU A 6 -2.25 -10.36 2.70
CA LEU A 6 -1.85 -9.24 1.89
C LEU A 6 -1.93 -9.68 0.44
N ASP A 7 -2.78 -9.05 -0.32
CA ASP A 7 -2.96 -9.38 -1.73
C ASP A 7 -2.21 -8.41 -2.61
N LEU A 8 -1.18 -7.86 -2.04
CA LEU A 8 -0.32 -6.90 -2.70
C LEU A 8 1.08 -7.46 -2.77
N GLN A 9 1.74 -7.27 -3.88
CA GLN A 9 3.12 -7.67 -4.06
C GLN A 9 3.97 -6.44 -4.40
N PRO A 10 5.30 -6.51 -4.19
CA PRO A 10 6.17 -5.38 -4.48
C PRO A 10 6.30 -5.11 -5.97
N GLY A 11 5.48 -4.23 -6.43
CA GLY A 11 5.43 -3.89 -7.82
C GLY A 11 4.06 -3.41 -8.19
N ASP A 12 3.10 -3.76 -7.35
CA ASP A 12 1.70 -3.42 -7.56
C ASP A 12 1.45 -1.95 -7.54
N VAL A 13 0.79 -1.49 -8.56
CA VAL A 13 0.34 -0.14 -8.61
C VAL A 13 -1.00 -0.08 -7.87
N VAL A 14 -0.98 0.63 -6.78
CA VAL A 14 -2.07 0.61 -5.85
C VAL A 14 -2.60 1.99 -5.56
N LYS A 15 -3.65 1.99 -4.83
CA LYS A 15 -4.25 3.15 -4.27
C LYS A 15 -4.21 2.95 -2.78
N VAL A 16 -3.71 3.92 -2.06
CA VAL A 16 -3.59 3.81 -0.63
C VAL A 16 -4.30 4.94 0.09
N LEU A 17 -5.13 4.58 1.00
CA LEU A 17 -5.86 5.54 1.79
C LEU A 17 -5.04 5.82 3.04
N GLU A 18 -4.14 6.78 2.92
CA GLU A 18 -3.30 7.15 4.05
C GLU A 18 -4.13 7.82 5.13
N SER A 19 -4.78 8.87 4.74
CA SER A 19 -5.58 9.63 5.63
C SER A 19 -6.96 9.74 5.06
N ALA A 20 -7.95 9.90 5.91
CA ALA A 20 -9.32 10.08 5.48
C ALA A 20 -9.49 11.48 4.90
N ALA A 21 -8.56 12.37 5.24
CA ALA A 21 -8.59 13.73 4.76
C ALA A 21 -7.84 13.86 3.44
N LEU A 22 -7.05 12.86 3.11
CA LEU A 22 -6.29 12.86 1.86
C LEU A 22 -6.93 11.92 0.86
N GLY A 23 -7.36 10.77 1.36
CA GLY A 23 -7.99 9.81 0.53
C GLY A 23 -7.01 8.86 -0.10
N TRP A 24 -7.53 8.00 -0.94
CA TRP A 24 -6.75 7.07 -1.72
C TRP A 24 -5.82 7.78 -2.69
N VAL A 25 -4.54 7.72 -2.40
CA VAL A 25 -3.53 8.29 -3.27
C VAL A 25 -2.88 7.16 -4.05
N ARG A 26 -2.46 7.44 -5.25
CA ARG A 26 -1.85 6.41 -6.07
C ARG A 26 -0.45 6.15 -5.59
N ALA A 27 -0.07 4.90 -5.57
CA ALA A 27 1.22 4.50 -5.11
C ALA A 27 1.60 3.18 -5.72
N ARG A 28 2.77 2.72 -5.43
CA ARG A 28 3.19 1.43 -5.84
C ARG A 28 3.84 0.76 -4.67
N VAL A 29 3.56 -0.49 -4.52
CA VAL A 29 4.14 -1.27 -3.46
C VAL A 29 5.61 -1.45 -3.74
N ILE A 30 6.41 -1.02 -2.82
CA ILE A 30 7.83 -1.16 -2.94
C ILE A 30 8.22 -2.43 -2.35
N ARG A 31 7.66 -2.72 -1.22
CA ARG A 31 8.02 -3.84 -0.57
C ARG A 31 6.91 -4.33 0.31
N VAL A 32 7.04 -5.55 0.62
CA VAL A 32 6.13 -6.24 1.47
C VAL A 32 6.85 -6.73 2.72
N LYS A 33 6.28 -6.43 3.84
CA LYS A 33 6.69 -6.93 5.12
C LYS A 33 5.54 -7.73 5.65
N SER A 34 5.67 -8.29 6.79
CA SER A 34 4.56 -8.99 7.30
C SER A 34 4.00 -8.25 8.50
N GLY A 35 2.91 -8.74 9.04
CA GLY A 35 2.22 -8.08 10.12
C GLY A 35 1.32 -7.00 9.59
N GLY A 36 1.02 -7.10 8.29
CA GLY A 36 0.22 -6.10 7.61
C GLY A 36 1.04 -4.87 7.34
N ARG A 37 2.32 -5.08 7.13
CA ARG A 37 3.24 -4.03 6.94
C ARG A 37 3.68 -3.98 5.53
N VAL A 38 3.07 -3.10 4.86
CA VAL A 38 3.28 -2.91 3.45
C VAL A 38 3.78 -1.52 3.17
N VAL A 39 4.91 -1.45 2.53
CA VAL A 39 5.53 -0.20 2.31
C VAL A 39 5.38 0.19 0.84
N VAL A 40 4.81 1.35 0.61
CA VAL A 40 4.44 1.81 -0.71
C VAL A 40 5.00 3.20 -0.93
N GLN A 41 5.25 3.54 -2.17
CA GLN A 41 5.70 4.86 -2.51
C GLN A 41 4.67 5.50 -3.39
N SER A 42 4.17 6.64 -2.96
CA SER A 42 3.17 7.36 -3.71
C SER A 42 3.85 8.22 -4.79
N ASP A 43 3.05 8.84 -5.64
CA ASP A 43 3.52 9.68 -6.78
C ASP A 43 4.33 10.88 -6.34
N GLN A 44 4.35 11.14 -5.05
CA GLN A 44 5.10 12.26 -4.51
C GLN A 44 6.52 11.82 -4.15
N GLY A 45 6.84 10.58 -4.49
CA GLY A 45 8.16 10.04 -4.23
C GLY A 45 8.36 9.70 -2.78
N ARG A 46 7.28 9.55 -2.04
CA ARG A 46 7.37 9.26 -0.68
C ARG A 46 6.95 7.83 -0.40
N GLU A 47 7.87 7.07 0.14
CA GLU A 47 7.61 5.72 0.56
C GLU A 47 7.14 5.76 2.02
N PHE A 48 6.08 5.04 2.33
CA PHE A 48 5.55 4.96 3.68
C PHE A 48 4.81 3.64 3.85
N THR A 49 4.36 3.34 5.05
CA THR A 49 3.66 2.11 5.29
C THR A 49 2.23 2.38 5.73
N ALA A 50 1.33 1.64 5.16
CA ALA A 50 -0.06 1.68 5.51
C ALA A 50 -0.44 0.27 5.92
N ARG A 51 -1.64 0.08 6.39
CA ARG A 51 -2.09 -1.26 6.72
C ARG A 51 -2.57 -1.92 5.44
N GLY A 52 -2.56 -3.24 5.40
CA GLY A 52 -2.99 -3.97 4.19
C GLY A 52 -4.40 -3.66 3.73
N ASN A 53 -5.21 -3.17 4.63
CA ASN A 53 -6.59 -2.84 4.29
C ASN A 53 -6.66 -1.44 3.69
N GLN A 54 -5.59 -0.68 3.86
CA GLN A 54 -5.48 0.67 3.36
C GLN A 54 -4.86 0.66 1.99
N VAL A 55 -4.40 -0.51 1.57
CA VAL A 55 -3.73 -0.64 0.29
C VAL A 55 -4.47 -1.59 -0.54
N ARG A 56 -4.88 -1.12 -1.66
CA ARG A 56 -5.58 -1.89 -2.56
C ARG A 56 -5.01 -1.67 -3.90
N LEU A 57 -4.82 -2.73 -4.62
CA LEU A 57 -4.45 -2.65 -6.04
C LEU A 57 -5.47 -1.81 -6.84
N ILE A 58 -5.10 -1.34 -8.01
CA ILE A 58 -6.00 -0.48 -8.77
C ILE A 58 -7.19 -1.18 -9.41
N GLU A 59 -8.18 -1.35 -8.58
CA GLU A 59 -9.49 -1.83 -8.90
C GLU A 59 -10.37 -1.06 -7.92
N SER A 1 -2.18 -25.10 5.57
CA SER A 1 -1.13 -24.35 6.22
C SER A 1 -0.88 -23.14 5.38
N ASN A 2 -1.24 -21.99 5.88
CA ASN A 2 -1.22 -20.77 5.10
C ASN A 2 -0.69 -19.67 5.92
N ALA A 3 0.10 -18.83 5.28
CA ALA A 3 0.77 -17.69 5.90
C ALA A 3 1.59 -16.94 4.85
N MET A 4 1.19 -17.03 3.60
CA MET A 4 1.99 -16.45 2.51
C MET A 4 1.07 -15.85 1.42
N GLU A 5 -0.20 -15.78 1.74
CA GLU A 5 -1.27 -15.34 0.81
C GLU A 5 -1.30 -13.81 0.62
N LEU A 6 -0.17 -13.20 0.71
CA LEU A 6 -0.05 -11.78 0.51
C LEU A 6 0.28 -11.53 -0.94
N ASP A 7 -0.74 -11.48 -1.74
CA ASP A 7 -0.57 -11.29 -3.17
C ASP A 7 -0.49 -9.84 -3.51
N LEU A 8 0.70 -9.37 -3.36
CA LEU A 8 1.13 -8.05 -3.65
C LEU A 8 2.61 -8.16 -3.93
N GLN A 9 3.11 -7.45 -4.88
CA GLN A 9 4.50 -7.54 -5.23
C GLN A 9 5.12 -6.16 -5.36
N PRO A 10 6.42 -6.03 -5.11
CA PRO A 10 7.12 -4.77 -5.27
C PRO A 10 7.17 -4.37 -6.75
N GLY A 11 6.55 -3.26 -7.05
CA GLY A 11 6.46 -2.77 -8.40
C GLY A 11 5.02 -2.58 -8.81
N ASP A 12 4.12 -3.06 -7.96
CA ASP A 12 2.66 -3.00 -8.22
C ASP A 12 2.13 -1.57 -8.03
N VAL A 13 0.99 -1.30 -8.61
CA VAL A 13 0.36 0.01 -8.57
C VAL A 13 -0.99 -0.14 -7.88
N VAL A 14 -1.13 0.49 -6.74
CA VAL A 14 -2.30 0.33 -5.91
C VAL A 14 -2.87 1.67 -5.48
N LYS A 15 -3.97 1.61 -4.77
CA LYS A 15 -4.59 2.75 -4.17
C LYS A 15 -4.42 2.65 -2.67
N VAL A 16 -3.86 3.66 -2.10
CA VAL A 16 -3.60 3.69 -0.68
C VAL A 16 -4.12 4.97 -0.11
N LEU A 17 -4.83 4.87 0.97
CA LEU A 17 -5.30 6.02 1.64
C LEU A 17 -4.22 6.45 2.63
N GLU A 18 -3.36 7.32 2.13
CA GLU A 18 -2.22 7.87 2.84
C GLU A 18 -2.68 8.70 4.04
N SER A 19 -3.60 9.57 3.78
CA SER A 19 -4.11 10.44 4.79
C SER A 19 -5.57 10.71 4.54
N ALA A 20 -6.34 10.86 5.61
CA ALA A 20 -7.80 11.06 5.54
C ALA A 20 -8.18 12.36 4.83
N ALA A 21 -7.25 13.31 4.79
CA ALA A 21 -7.50 14.59 4.16
C ALA A 21 -7.14 14.56 2.68
N LEU A 22 -6.77 13.38 2.20
CA LEU A 22 -6.40 13.20 0.81
C LEU A 22 -7.18 12.05 0.21
N GLY A 23 -7.30 10.98 0.96
CA GLY A 23 -8.04 9.85 0.52
C GLY A 23 -7.14 8.83 -0.13
N TRP A 24 -7.73 8.03 -0.97
CA TRP A 24 -7.04 7.02 -1.73
C TRP A 24 -6.23 7.66 -2.84
N VAL A 25 -4.94 7.61 -2.71
CA VAL A 25 -4.07 8.15 -3.70
C VAL A 25 -3.37 7.01 -4.40
N ARG A 26 -2.72 7.31 -5.51
CA ARG A 26 -1.99 6.30 -6.23
C ARG A 26 -0.73 6.00 -5.45
N ALA A 27 -0.50 4.76 -5.23
CA ALA A 27 0.67 4.33 -4.55
C ALA A 27 1.22 3.15 -5.26
N ARG A 28 2.41 2.80 -4.94
CA ARG A 28 3.09 1.71 -5.56
C ARG A 28 3.55 0.82 -4.45
N VAL A 29 3.47 -0.46 -4.63
CA VAL A 29 3.97 -1.35 -3.63
C VAL A 29 5.45 -1.47 -3.84
N ILE A 30 6.20 -0.92 -2.93
CA ILE A 30 7.65 -0.94 -3.04
C ILE A 30 8.21 -2.14 -2.39
N ARG A 31 7.61 -2.52 -1.32
CA ARG A 31 8.10 -3.53 -0.60
C ARG A 31 7.02 -4.30 0.07
N VAL A 32 7.25 -5.51 0.10
CA VAL A 32 6.47 -6.45 0.76
C VAL A 32 7.28 -6.99 1.91
N LYS A 33 6.67 -7.00 3.03
CA LYS A 33 7.24 -7.59 4.19
C LYS A 33 6.58 -8.94 4.32
N SER A 34 6.45 -9.41 5.52
CA SER A 34 5.73 -10.58 5.70
C SER A 34 4.78 -10.40 6.87
N GLY A 35 3.84 -11.31 7.03
CA GLY A 35 2.88 -11.21 8.08
C GLY A 35 1.74 -10.32 7.69
N GLY A 36 1.88 -9.05 7.94
CA GLY A 36 0.85 -8.11 7.60
C GLY A 36 1.42 -6.74 7.36
N ARG A 37 2.59 -6.70 6.77
CA ARG A 37 3.23 -5.45 6.52
C ARG A 37 3.53 -5.22 5.09
N VAL A 38 3.21 -4.05 4.64
CA VAL A 38 3.45 -3.63 3.31
C VAL A 38 3.99 -2.22 3.36
N VAL A 39 5.02 -1.98 2.58
CA VAL A 39 5.56 -0.67 2.48
C VAL A 39 5.34 -0.18 1.08
N VAL A 40 4.69 0.93 0.96
CA VAL A 40 4.24 1.45 -0.28
C VAL A 40 4.71 2.86 -0.41
N GLN A 41 4.81 3.31 -1.58
CA GLN A 41 5.19 4.65 -1.83
C GLN A 41 4.11 5.29 -2.60
N SER A 42 3.54 6.34 -2.06
CA SER A 42 2.61 7.14 -2.78
C SER A 42 3.31 7.62 -4.03
N ASP A 43 2.58 7.77 -5.09
CA ASP A 43 3.14 8.13 -6.41
C ASP A 43 3.84 9.50 -6.37
N GLN A 44 3.50 10.25 -5.34
CA GLN A 44 4.09 11.55 -5.07
C GLN A 44 5.45 11.43 -4.33
N GLY A 45 5.86 10.22 -4.00
CA GLY A 45 7.19 10.02 -3.45
C GLY A 45 7.28 9.50 -2.03
N ARG A 46 6.22 9.56 -1.25
CA ARG A 46 6.29 9.14 0.13
C ARG A 46 6.21 7.62 0.32
N GLU A 47 7.31 7.02 0.75
CA GLU A 47 7.34 5.58 1.10
C GLU A 47 6.97 5.48 2.57
N PHE A 48 6.03 4.64 2.87
CA PHE A 48 5.57 4.41 4.22
C PHE A 48 4.94 3.05 4.31
N THR A 49 4.66 2.62 5.48
CA THR A 49 4.07 1.36 5.67
C THR A 49 2.62 1.59 6.07
N ALA A 50 1.74 0.83 5.49
CA ALA A 50 0.34 1.00 5.74
C ALA A 50 -0.28 -0.35 6.02
N ARG A 51 -1.53 -0.34 6.42
CA ARG A 51 -2.24 -1.57 6.69
C ARG A 51 -2.86 -2.08 5.40
N GLY A 52 -3.30 -3.34 5.41
CA GLY A 52 -4.03 -3.90 4.24
C GLY A 52 -5.45 -3.36 4.16
N ASN A 53 -5.75 -2.48 5.08
CA ASN A 53 -7.00 -1.77 5.12
C ASN A 53 -6.83 -0.50 4.34
N GLN A 54 -5.60 -0.04 4.31
CA GLN A 54 -5.23 1.20 3.68
C GLN A 54 -4.74 0.97 2.29
N VAL A 55 -4.43 -0.26 1.98
CA VAL A 55 -3.88 -0.58 0.68
C VAL A 55 -4.76 -1.56 0.03
N ARG A 56 -5.22 -1.19 -1.10
CA ARG A 56 -6.04 -2.00 -1.85
C ARG A 56 -5.51 -2.03 -3.24
N LEU A 57 -5.42 -3.20 -3.79
CA LEU A 57 -5.01 -3.37 -5.18
C LEU A 57 -5.98 -2.71 -6.18
N ILE A 58 -5.64 -2.76 -7.45
CA ILE A 58 -6.47 -2.16 -8.50
C ILE A 58 -7.80 -2.90 -8.72
N GLU A 59 -8.77 -2.45 -7.98
CA GLU A 59 -10.16 -2.86 -7.99
C GLU A 59 -10.83 -1.85 -7.08
N SER A 1 -12.22 -13.64 4.03
CA SER A 1 -10.87 -13.95 4.42
C SER A 1 -10.23 -14.79 3.34
N ASN A 2 -10.67 -16.07 3.25
CA ASN A 2 -10.23 -17.01 2.20
C ASN A 2 -8.76 -17.35 2.39
N ALA A 3 -8.16 -17.98 1.43
CA ALA A 3 -6.77 -18.36 1.54
C ALA A 3 -5.90 -17.38 0.78
N MET A 4 -5.67 -16.25 1.37
CA MET A 4 -4.83 -15.21 0.82
C MET A 4 -3.88 -14.75 1.89
N GLU A 5 -2.74 -14.28 1.48
CA GLU A 5 -1.70 -13.83 2.35
C GLU A 5 -1.22 -12.50 1.84
N LEU A 6 0.00 -12.16 2.08
CA LEU A 6 0.55 -10.98 1.48
C LEU A 6 1.09 -11.30 0.13
N ASP A 7 0.19 -11.48 -0.78
CA ASP A 7 0.48 -11.82 -2.15
C ASP A 7 0.61 -10.60 -3.01
N LEU A 8 0.65 -9.50 -2.34
CA LEU A 8 0.89 -8.22 -2.94
C LEU A 8 2.38 -8.05 -2.97
N GLN A 9 2.93 -7.93 -4.11
CA GLN A 9 4.35 -7.92 -4.28
C GLN A 9 4.84 -6.58 -4.81
N PRO A 10 6.15 -6.29 -4.63
CA PRO A 10 6.76 -5.07 -5.12
C PRO A 10 6.59 -4.92 -6.63
N GLY A 11 6.09 -3.80 -7.04
CA GLY A 11 5.85 -3.57 -8.43
C GLY A 11 4.39 -3.37 -8.72
N ASP A 12 3.55 -3.70 -7.75
CA ASP A 12 2.09 -3.58 -7.89
C ASP A 12 1.64 -2.12 -7.89
N VAL A 13 0.51 -1.86 -8.47
CA VAL A 13 -0.04 -0.52 -8.62
C VAL A 13 -1.29 -0.44 -7.78
N VAL A 14 -1.20 0.27 -6.70
CA VAL A 14 -2.28 0.32 -5.75
C VAL A 14 -2.72 1.74 -5.47
N LYS A 15 -3.78 1.84 -4.76
CA LYS A 15 -4.27 3.04 -4.20
C LYS A 15 -4.38 2.80 -2.72
N VAL A 16 -3.80 3.65 -1.96
CA VAL A 16 -3.79 3.50 -0.55
C VAL A 16 -4.38 4.73 0.05
N LEU A 17 -5.30 4.56 0.92
CA LEU A 17 -5.82 5.65 1.64
C LEU A 17 -4.90 5.85 2.81
N GLU A 18 -4.03 6.81 2.65
CA GLU A 18 -3.02 7.12 3.65
C GLU A 18 -3.68 7.66 4.90
N SER A 19 -4.25 8.82 4.75
CA SER A 19 -4.80 9.55 5.83
C SER A 19 -6.10 10.19 5.38
N ALA A 20 -7.03 10.36 6.31
CA ALA A 20 -8.31 10.98 6.02
C ALA A 20 -8.13 12.48 5.88
N ALA A 21 -7.76 12.87 4.68
CA ALA A 21 -7.48 14.24 4.27
C ALA A 21 -7.03 14.17 2.84
N LEU A 22 -6.22 13.15 2.56
CA LEU A 22 -5.73 12.91 1.21
C LEU A 22 -6.62 11.90 0.53
N GLY A 23 -6.98 10.86 1.26
CA GLY A 23 -7.81 9.85 0.68
C GLY A 23 -6.98 8.78 0.03
N TRP A 24 -7.52 8.17 -0.97
CA TRP A 24 -6.86 7.15 -1.74
C TRP A 24 -5.84 7.75 -2.68
N VAL A 25 -4.59 7.61 -2.36
CA VAL A 25 -3.53 8.10 -3.19
C VAL A 25 -2.93 6.94 -3.95
N ARG A 26 -2.50 7.18 -5.16
CA ARG A 26 -1.90 6.14 -5.97
C ARG A 26 -0.53 5.83 -5.41
N ALA A 27 -0.22 4.57 -5.32
CA ALA A 27 1.03 4.14 -4.79
C ALA A 27 1.51 2.91 -5.51
N ARG A 28 2.74 2.61 -5.31
CA ARG A 28 3.34 1.46 -5.90
C ARG A 28 3.88 0.67 -4.74
N VAL A 29 3.59 -0.60 -4.70
CA VAL A 29 4.14 -1.43 -3.65
C VAL A 29 5.61 -1.57 -3.92
N ILE A 30 6.39 -1.02 -3.05
CA ILE A 30 7.81 -1.06 -3.22
C ILE A 30 8.35 -2.23 -2.55
N ARG A 31 7.83 -2.56 -1.40
CA ARG A 31 8.34 -3.59 -0.73
C ARG A 31 7.43 -4.10 0.35
N VAL A 32 7.78 -5.24 0.80
CA VAL A 32 7.15 -5.91 1.90
C VAL A 32 8.15 -5.89 3.03
N LYS A 33 7.71 -5.53 4.21
CA LYS A 33 8.58 -5.47 5.34
C LYS A 33 8.49 -6.69 6.11
N SER A 34 7.29 -6.92 6.57
CA SER A 34 7.06 -7.98 7.41
C SER A 34 5.65 -8.50 7.16
N GLY A 35 5.22 -9.49 7.92
CA GLY A 35 3.88 -10.01 7.79
C GLY A 35 2.85 -9.06 8.37
N GLY A 36 2.54 -8.03 7.60
CA GLY A 36 1.57 -7.05 8.02
C GLY A 36 2.09 -5.65 7.80
N ARG A 37 3.37 -5.53 7.55
CA ARG A 37 3.98 -4.27 7.37
C ARG A 37 4.58 -4.27 6.04
N VAL A 38 4.17 -3.34 5.32
CA VAL A 38 4.57 -3.13 3.97
C VAL A 38 5.00 -1.70 3.80
N VAL A 39 5.63 -1.39 2.70
CA VAL A 39 5.99 -0.03 2.41
C VAL A 39 5.67 0.26 0.94
N VAL A 40 4.96 1.32 0.72
CA VAL A 40 4.52 1.70 -0.62
C VAL A 40 4.94 3.13 -0.90
N GLN A 41 5.33 3.42 -2.10
CA GLN A 41 5.69 4.77 -2.45
C GLN A 41 4.62 5.34 -3.31
N SER A 42 4.14 6.48 -2.91
CA SER A 42 3.10 7.15 -3.62
C SER A 42 3.72 8.13 -4.61
N ASP A 43 2.87 8.77 -5.41
CA ASP A 43 3.29 9.75 -6.43
C ASP A 43 3.94 10.98 -5.80
N GLN A 44 3.76 11.11 -4.51
CA GLN A 44 4.38 12.17 -3.71
C GLN A 44 5.87 11.83 -3.45
N GLY A 45 6.30 10.67 -3.94
CA GLY A 45 7.69 10.23 -3.82
C GLY A 45 8.05 9.84 -2.42
N ARG A 46 7.05 9.55 -1.64
CA ARG A 46 7.21 9.21 -0.29
C ARG A 46 6.84 7.76 -0.10
N GLU A 47 7.80 6.97 0.34
CA GLU A 47 7.57 5.60 0.64
C GLU A 47 7.09 5.54 2.09
N PHE A 48 5.93 5.01 2.32
CA PHE A 48 5.36 4.98 3.66
C PHE A 48 4.71 3.65 3.95
N THR A 49 4.35 3.44 5.20
CA THR A 49 3.75 2.21 5.61
C THR A 49 2.26 2.26 5.38
N ALA A 50 1.75 1.21 4.83
CA ALA A 50 0.35 1.13 4.56
C ALA A 50 -0.22 0.00 5.37
N ARG A 51 -1.50 0.01 5.58
CA ARG A 51 -2.15 -1.04 6.30
C ARG A 51 -3.05 -1.74 5.33
N GLY A 52 -3.16 -3.05 5.41
CA GLY A 52 -3.92 -3.84 4.43
C GLY A 52 -5.34 -3.39 4.19
N ASN A 53 -5.97 -2.83 5.20
CA ASN A 53 -7.37 -2.40 5.07
C ASN A 53 -7.49 -1.01 4.50
N GLN A 54 -6.38 -0.47 4.20
CA GLN A 54 -6.26 0.84 3.64
C GLN A 54 -5.69 0.73 2.23
N VAL A 55 -5.58 -0.49 1.72
CA VAL A 55 -4.96 -0.70 0.42
C VAL A 55 -5.89 -1.43 -0.49
N ARG A 56 -5.92 -0.98 -1.67
CA ARG A 56 -6.63 -1.57 -2.71
C ARG A 56 -5.76 -1.45 -3.92
N LEU A 57 -5.70 -2.46 -4.69
CA LEU A 57 -4.99 -2.42 -5.96
C LEU A 57 -5.78 -1.55 -6.95
N ILE A 58 -5.53 -1.69 -8.23
CA ILE A 58 -6.36 -1.03 -9.22
C ILE A 58 -7.75 -1.70 -9.35
N GLU A 59 -8.45 -1.60 -8.26
CA GLU A 59 -9.78 -2.10 -7.99
C GLU A 59 -10.12 -1.51 -6.63
#